data_7VZP
#
_entry.id   7VZP
#
_cell.length_a   52.715
_cell.length_b   67.237
_cell.length_c   151.312
_cell.angle_alpha   90.00
_cell.angle_beta   97.36
_cell.angle_gamma   90.00
#
_symmetry.space_group_name_H-M   'P 1 21 1'
#
loop_
_entity.id
_entity.type
_entity.pdbx_description
1 polymer 'GMC oxidoreductase'
2 non-polymer 'FLAVIN-ADENINE DINUCLEOTIDE'
3 non-polymer 'PENTAETHYLENE GLYCOL'
4 water water
#
_entity_poly.entity_id   1
_entity_poly.type   'polypeptide(L)'
_entity_poly.pdbx_seq_one_letter_code
;MKNTTTYDYIVVGGGTSGLVVANRLSENPDVSVLLLEAGASVFNNPDVTNANGYGLAFGSAIDWQYQSINQSYAGGKQQV
LRAGKALGGTSTINGMAYTRAEDVQIDVWQKLGNEGWTWKDLLPYYLKSENLTAPTSSQVAAGAAYNPAVNGKEGPLKVG
WSGSLASGNLSVALNRTFQAAGVPWVEDVNGGKMRGFNIYPSTLDVDLNVREDAARAYYFPYDDRKNLHLLENTTANRLF
WKNGSAEEAIADGVEITSADGKVTRVHAKKEVIISAGALRSPLILELSGVGNPTILKKNNITPRVDLPTVGENLQDQFNN
GMAGEGYGVLAGASTVTYPSISDVFGNETDSIVASLRSQLSDYAAATVKVSNGHMKQEDLERLYQLQFDLIVKDKVPIAE
ILFHPGGGNAVSSEFWGLLPFARGNIHISSNDPTAPAAINPNYFMFEWDGKSQAGIAKYIRKILRSAPLNKLIAKETKPG
LSEIPATAADEKWVEWLKANYRSNFHPVGTAAMMPRSIGGVVDNRLRVYGTSNVRVVDASVLPFQVCGHLVSTLYAVAER
ASDLIKEDAKSA
;
_entity_poly.pdbx_strand_id   A,B
#
# COMPACT_ATOMS: atom_id res chain seq x y z
N THR A 5 -48.42 34.80 -2.24
CA THR A 5 -47.06 34.22 -2.41
C THR A 5 -46.69 33.35 -1.22
N THR A 6 -47.70 32.81 -0.55
CA THR A 6 -47.51 32.01 0.65
C THR A 6 -47.77 30.53 0.36
N TYR A 7 -46.81 29.69 0.75
CA TYR A 7 -46.86 28.23 0.57
C TYR A 7 -46.54 27.56 1.90
N ASP A 8 -46.88 26.29 2.06
CA ASP A 8 -46.50 25.59 3.28
C ASP A 8 -44.99 25.38 3.37
N TYR A 9 -44.38 24.93 2.26
CA TYR A 9 -42.95 24.69 2.17
C TYR A 9 -42.37 25.39 0.96
N ILE A 10 -41.18 25.94 1.14
CA ILE A 10 -40.38 26.41 0.01
C ILE A 10 -39.11 25.55 -0.02
N VAL A 11 -38.85 24.96 -1.19
CA VAL A 11 -37.64 24.19 -1.42
C VAL A 11 -36.76 25.01 -2.36
N VAL A 12 -35.61 25.40 -1.86
CA VAL A 12 -34.67 26.23 -2.59
C VAL A 12 -33.67 25.34 -3.32
N GLY A 13 -33.80 25.29 -4.64
CA GLY A 13 -32.93 24.46 -5.46
C GLY A 13 -33.64 23.22 -5.94
N GLY A 14 -34.01 23.22 -7.22
CA GLY A 14 -34.68 22.06 -7.81
C GLY A 14 -33.69 21.08 -8.37
N GLY A 15 -32.76 20.63 -7.52
CA GLY A 15 -31.68 19.74 -7.92
C GLY A 15 -31.87 18.33 -7.43
N THR A 16 -30.76 17.61 -7.35
CA THR A 16 -30.77 16.18 -7.04
C THR A 16 -31.59 15.89 -5.78
N SER A 17 -31.27 16.62 -4.71
CA SER A 17 -31.90 16.43 -3.42
C SER A 17 -33.22 17.17 -3.31
N GLY A 18 -33.26 18.42 -3.76
CA GLY A 18 -34.44 19.26 -3.61
C GLY A 18 -35.68 18.68 -4.27
N LEU A 19 -35.51 18.07 -5.44
CA LEU A 19 -36.64 17.48 -6.12
C LEU A 19 -37.24 16.30 -5.37
N VAL A 20 -36.41 15.57 -4.63
CA VAL A 20 -36.92 14.49 -3.79
C VAL A 20 -37.84 15.06 -2.70
N VAL A 21 -37.35 16.07 -2.00
CA VAL A 21 -38.12 16.69 -0.92
C VAL A 21 -39.44 17.26 -1.46
N ALA A 22 -39.37 17.99 -2.57
CA ALA A 22 -40.59 18.56 -3.16
C ALA A 22 -41.59 17.48 -3.56
N ASN A 23 -41.08 16.40 -4.15
CA ASN A 23 -41.91 15.27 -4.52
C ASN A 23 -42.62 14.69 -3.30
N ARG A 24 -41.84 14.39 -2.26
CA ARG A 24 -42.40 13.69 -1.12
C ARG A 24 -43.35 14.54 -0.30
N LEU A 25 -43.00 15.81 -0.09
CA LEU A 25 -43.89 16.70 0.68
C LEU A 25 -45.21 16.96 -0.03
N SER A 26 -45.18 17.04 -1.36
CA SER A 26 -46.40 17.29 -2.14
C SER A 26 -47.27 16.04 -2.32
N GLU A 27 -46.86 14.91 -1.76
CA GLU A 27 -47.72 13.71 -1.72
C GLU A 27 -48.99 13.95 -0.91
N ASN A 28 -48.91 14.83 0.08
CA ASN A 28 -50.07 15.29 0.84
C ASN A 28 -50.76 16.39 0.05
N PRO A 29 -51.99 16.13 -0.47
CA PRO A 29 -52.67 17.10 -1.33
C PRO A 29 -53.03 18.40 -0.61
N ASP A 30 -53.05 18.38 0.71
CA ASP A 30 -53.40 19.57 1.50
C ASP A 30 -52.17 20.43 1.86
N VAL A 31 -51.00 20.03 1.35
CA VAL A 31 -49.74 20.74 1.58
C VAL A 31 -49.26 21.37 0.28
N SER A 32 -49.00 22.68 0.29
CA SER A 32 -48.48 23.36 -0.89
C SER A 32 -46.97 23.50 -0.81
N VAL A 33 -46.30 23.26 -1.94
CA VAL A 33 -44.85 23.28 -2.03
C VAL A 33 -44.41 24.14 -3.21
N LEU A 34 -43.51 25.08 -2.93
CA LEU A 34 -42.90 25.87 -3.98
C LEU A 34 -41.45 25.47 -4.18
N LEU A 35 -41.10 25.09 -5.41
CA LEU A 35 -39.72 24.87 -5.81
C LEU A 35 -39.17 26.11 -6.46
N LEU A 36 -37.99 26.53 -6.02
CA LEU A 36 -37.26 27.62 -6.66
C LEU A 36 -36.03 27.05 -7.35
N GLU A 37 -35.89 27.29 -8.65
CA GLU A 37 -34.74 26.79 -9.39
C GLU A 37 -34.15 27.89 -10.24
N ALA A 38 -32.84 28.12 -10.08
CA ALA A 38 -32.13 29.16 -10.82
C ALA A 38 -32.06 28.87 -12.32
N GLY A 39 -31.94 27.59 -12.68
CA GLY A 39 -31.96 27.17 -14.08
C GLY A 39 -33.36 26.81 -14.55
N ALA A 40 -33.44 25.96 -15.56
CA ALA A 40 -34.72 25.59 -16.18
C ALA A 40 -34.71 24.14 -16.62
N SER A 41 -35.86 23.67 -17.08
CA SER A 41 -35.98 22.32 -17.60
C SER A 41 -34.91 21.99 -18.63
N VAL A 42 -34.38 20.78 -18.52
CA VAL A 42 -33.52 20.20 -19.55
C VAL A 42 -34.12 18.91 -20.11
N PHE A 43 -35.43 18.78 -19.95
CA PHE A 43 -36.16 17.62 -20.46
C PHE A 43 -35.86 17.39 -21.94
N ASN A 44 -35.75 18.50 -22.68
CA ASN A 44 -35.57 18.44 -24.13
C ASN A 44 -34.15 18.76 -24.58
N ASN A 45 -33.21 18.84 -23.63
CA ASN A 45 -31.82 19.12 -23.96
C ASN A 45 -31.11 17.83 -24.34
N PRO A 46 -30.76 17.67 -25.63
CA PRO A 46 -30.25 16.38 -26.09
C PRO A 46 -28.91 16.00 -25.50
N ASP A 47 -28.11 16.99 -25.07
CA ASP A 47 -26.83 16.72 -24.43
C ASP A 47 -27.01 16.23 -22.98
N VAL A 48 -28.17 16.49 -22.40
CA VAL A 48 -28.53 15.93 -21.10
C VAL A 48 -29.12 14.53 -21.29
N THR A 49 -30.07 14.39 -22.22
CA THR A 49 -30.75 13.11 -22.37
C THR A 49 -29.83 12.01 -22.91
N ASN A 50 -28.84 12.41 -23.71
CA ASN A 50 -27.90 11.47 -24.31
C ASN A 50 -27.30 10.52 -23.27
N ALA A 51 -27.65 9.24 -23.39
CA ALA A 51 -27.18 8.19 -22.48
C ALA A 51 -25.66 8.09 -22.45
N ASN A 52 -25.02 8.54 -23.52
CA ASN A 52 -23.58 8.53 -23.64
C ASN A 52 -22.97 9.93 -23.71
N GLY A 53 -23.70 10.91 -23.17
CA GLY A 53 -23.34 12.32 -23.31
C GLY A 53 -22.53 12.94 -22.20
N TYR A 54 -22.05 12.15 -21.24
CA TYR A 54 -21.24 12.71 -20.14
C TYR A 54 -20.08 13.52 -20.71
N GLY A 55 -19.97 14.77 -20.26
CA GLY A 55 -18.96 15.69 -20.74
C GLY A 55 -19.43 16.74 -21.72
N LEU A 56 -20.47 16.42 -22.49
CA LEU A 56 -20.92 17.34 -23.55
C LEU A 56 -21.38 18.69 -23.01
N ALA A 57 -22.02 18.67 -21.85
CA ALA A 57 -22.60 19.90 -21.28
C ALA A 57 -21.61 20.72 -20.45
N PHE A 58 -20.38 20.23 -20.27
CA PHE A 58 -19.37 20.97 -19.52
C PHE A 58 -19.16 22.32 -20.20
N GLY A 59 -19.15 23.38 -19.41
CA GLY A 59 -18.93 24.72 -19.93
C GLY A 59 -20.10 25.34 -20.66
N SER A 60 -21.24 24.67 -20.69
CA SER A 60 -22.44 25.19 -21.32
C SER A 60 -23.24 26.05 -20.34
N ALA A 61 -24.37 26.57 -20.81
CA ALA A 61 -25.25 27.38 -19.99
C ALA A 61 -25.82 26.63 -18.78
N ILE A 62 -25.78 25.29 -18.81
CA ILE A 62 -26.27 24.50 -17.68
C ILE A 62 -25.16 24.04 -16.73
N ASP A 63 -23.95 24.57 -16.91
CA ASP A 63 -22.84 24.31 -15.99
C ASP A 63 -22.53 25.63 -15.28
N TRP A 64 -22.67 25.66 -13.96
CA TRP A 64 -22.36 26.85 -13.17
C TRP A 64 -20.92 27.29 -13.31
N GLN A 65 -20.00 26.33 -13.49
CA GLN A 65 -18.57 26.64 -13.63
C GLN A 65 -18.06 27.54 -12.50
N TYR A 66 -18.34 27.14 -11.27
CA TYR A 66 -17.76 27.81 -10.12
C TYR A 66 -16.24 27.68 -10.20
N GLN A 67 -15.52 28.58 -9.53
CA GLN A 67 -14.06 28.59 -9.59
C GLN A 67 -13.49 28.71 -8.20
N SER A 68 -12.48 27.88 -7.90
CA SER A 68 -11.78 27.95 -6.64
C SER A 68 -10.80 29.10 -6.61
N ILE A 69 -10.34 29.41 -5.39
CA ILE A 69 -9.17 30.26 -5.22
C ILE A 69 -7.91 29.46 -5.58
N ASN A 70 -6.77 30.15 -5.57
CA ASN A 70 -5.50 29.49 -5.82
C ASN A 70 -5.33 28.31 -4.88
N GLN A 71 -5.01 27.14 -5.41
CA GLN A 71 -4.86 25.95 -4.59
C GLN A 71 -3.40 25.84 -4.17
N SER A 72 -3.13 26.43 -3.01
CA SER A 72 -1.76 26.71 -2.56
C SER A 72 -0.94 25.47 -2.23
N TYR A 73 -1.61 24.35 -1.99
CA TYR A 73 -0.91 23.10 -1.68
C TYR A 73 -0.76 22.22 -2.91
N ALA A 74 -1.37 22.64 -4.02
CA ALA A 74 -1.49 21.80 -5.21
C ALA A 74 -0.76 22.38 -6.40
N GLY A 75 0.07 23.39 -6.17
CA GLY A 75 0.81 24.02 -7.25
C GLY A 75 0.31 25.40 -7.62
N GLY A 76 -0.78 25.83 -6.97
CA GLY A 76 -1.24 27.21 -7.06
C GLY A 76 -2.37 27.55 -8.01
N LYS A 77 -2.65 26.68 -8.98
CA LYS A 77 -3.65 26.98 -10.00
C LYS A 77 -5.08 26.91 -9.41
N GLN A 78 -5.98 27.72 -9.93
CA GLN A 78 -7.39 27.61 -9.59
C GLN A 78 -8.03 26.46 -10.34
N GLN A 79 -9.14 25.96 -9.80
CA GLN A 79 -9.82 24.80 -10.38
C GLN A 79 -11.28 25.14 -10.60
N VAL A 80 -11.81 24.71 -11.74
CA VAL A 80 -13.24 24.75 -11.97
C VAL A 80 -13.93 23.72 -11.07
N LEU A 81 -15.07 24.12 -10.53
CA LEU A 81 -15.91 23.25 -9.73
C LEU A 81 -17.27 23.25 -10.43
N ARG A 82 -17.53 22.19 -11.19
CA ARG A 82 -18.72 22.11 -12.02
C ARG A 82 -19.94 21.74 -11.21
N ALA A 83 -21.10 22.16 -11.70
CA ALA A 83 -22.37 21.91 -11.03
C ALA A 83 -23.46 22.22 -12.03
N GLY A 84 -24.59 21.52 -11.93
CA GLY A 84 -25.68 21.70 -12.86
C GLY A 84 -26.55 22.90 -12.51
N LYS A 85 -26.79 23.74 -13.52
CA LYS A 85 -27.74 24.84 -13.42
C LYS A 85 -28.91 24.45 -14.30
N ALA A 86 -29.89 23.79 -13.71
CA ALA A 86 -30.95 23.12 -14.45
C ALA A 86 -31.93 22.54 -13.47
N LEU A 87 -33.17 22.35 -13.91
CA LEU A 87 -34.10 21.53 -13.15
C LEU A 87 -33.55 20.10 -13.18
N GLY A 88 -33.23 19.57 -12.01
CA GLY A 88 -32.49 18.31 -11.87
C GLY A 88 -31.07 18.52 -11.35
N GLY A 89 -30.61 19.76 -11.37
CA GLY A 89 -29.31 20.09 -10.80
C GLY A 89 -28.16 19.32 -11.42
N THR A 90 -27.25 18.88 -10.58
CA THR A 90 -26.01 18.29 -11.06
C THR A 90 -26.23 16.88 -11.64
N SER A 91 -27.37 16.27 -11.33
CA SER A 91 -27.72 14.98 -11.91
C SER A 91 -27.91 15.07 -13.43
N THR A 92 -28.06 16.29 -13.96
CA THR A 92 -28.24 16.48 -15.40
C THR A 92 -26.94 16.49 -16.19
N ILE A 93 -25.81 16.70 -15.52
CA ILE A 93 -24.52 16.83 -16.22
C ILE A 93 -23.47 15.80 -15.73
N ASN A 94 -23.87 14.96 -14.79
CA ASN A 94 -22.92 14.06 -14.13
C ASN A 94 -22.62 12.80 -14.95
N GLY A 95 -21.78 11.91 -14.41
CA GLY A 95 -21.33 10.72 -15.11
C GLY A 95 -22.28 9.54 -15.09
N MET A 96 -23.42 9.71 -14.41
CA MET A 96 -24.48 8.70 -14.34
CA MET A 96 -24.49 8.71 -14.33
C MET A 96 -24.15 7.44 -13.54
N ALA A 97 -22.97 7.36 -12.94
CA ALA A 97 -22.63 6.14 -12.16
C ALA A 97 -23.48 6.04 -10.89
N TYR A 98 -23.98 4.83 -10.60
CA TYR A 98 -24.80 4.59 -9.42
C TYR A 98 -24.05 3.64 -8.47
N THR A 99 -23.33 4.21 -7.50
CA THR A 99 -22.70 3.42 -6.43
C THR A 99 -22.90 4.15 -5.10
N ARG A 100 -22.89 3.40 -4.00
CA ARG A 100 -23.35 3.93 -2.71
C ARG A 100 -22.21 4.25 -1.74
N ALA A 101 -22.16 3.56 -0.60
CA ALA A 101 -21.20 3.87 0.46
C ALA A 101 -20.91 2.58 1.20
N GLU A 102 -19.83 2.58 1.98
CA GLU A 102 -19.55 1.47 2.88
C GLU A 102 -20.49 1.56 4.08
N ASP A 103 -21.06 0.42 4.48
CA ASP A 103 -21.98 0.39 5.62
C ASP A 103 -21.42 1.11 6.86
N VAL A 104 -20.18 0.78 7.21
CA VAL A 104 -19.56 1.32 8.42
C VAL A 104 -19.31 2.81 8.34
N GLN A 105 -19.18 3.36 7.13
CA GLN A 105 -18.97 4.80 7.05
C GLN A 105 -20.28 5.60 7.23
N ILE A 106 -21.42 5.01 6.92
CA ILE A 106 -22.70 5.60 7.31
C ILE A 106 -22.95 5.39 8.83
N ASP A 107 -22.62 4.20 9.33
CA ASP A 107 -22.70 3.96 10.77
C ASP A 107 -21.94 5.00 11.58
N VAL A 108 -20.83 5.51 11.05
CA VAL A 108 -20.05 6.54 11.73
CA VAL A 108 -20.08 6.52 11.80
C VAL A 108 -20.88 7.80 12.02
N TRP A 109 -21.87 8.07 11.17
CA TRP A 109 -22.70 9.26 11.39
C TRP A 109 -23.38 9.20 12.76
N GLN A 110 -23.92 8.03 13.11
CA GLN A 110 -24.53 7.87 14.44
C GLN A 110 -23.47 7.85 15.54
N LYS A 111 -22.33 7.22 15.28
CA LYS A 111 -21.20 7.19 16.22
C LYS A 111 -20.83 8.60 16.66
N LEU A 112 -20.73 9.51 15.70
CA LEU A 112 -20.32 10.88 16.02
C LEU A 112 -21.45 11.71 16.65
N GLY A 113 -22.66 11.16 16.69
CA GLY A 113 -23.75 11.77 17.44
C GLY A 113 -25.02 12.09 16.69
N ASN A 114 -25.11 11.67 15.43
CA ASN A 114 -26.32 11.90 14.61
C ASN A 114 -27.29 10.73 14.75
N GLU A 115 -28.21 10.86 15.69
CA GLU A 115 -29.11 9.75 16.00
C GLU A 115 -29.99 9.36 14.83
N GLY A 116 -30.01 8.06 14.54
CA GLY A 116 -30.86 7.51 13.49
C GLY A 116 -30.21 7.38 12.13
N TRP A 117 -28.92 7.74 12.04
CA TRP A 117 -28.19 7.67 10.76
C TRP A 117 -27.16 6.55 10.81
N THR A 118 -27.56 5.41 10.26
CA THR A 118 -26.71 4.21 10.16
C THR A 118 -27.02 3.56 8.82
N TRP A 119 -26.18 2.62 8.40
CA TRP A 119 -26.47 1.89 7.16
C TRP A 119 -27.84 1.24 7.22
N LYS A 120 -28.14 0.55 8.33
CA LYS A 120 -29.41 -0.15 8.43
C LYS A 120 -30.61 0.80 8.39
N ASP A 121 -30.45 2.00 8.94
CA ASP A 121 -31.51 3.00 8.86
C ASP A 121 -31.64 3.64 7.47
N LEU A 122 -30.53 3.72 6.74
CA LEU A 122 -30.54 4.39 5.43
C LEU A 122 -30.92 3.45 4.29
N LEU A 123 -30.59 2.16 4.45
CA LEU A 123 -30.85 1.18 3.40
C LEU A 123 -32.30 1.20 2.85
N PRO A 124 -33.33 1.22 3.73
CA PRO A 124 -34.70 1.28 3.21
C PRO A 124 -34.96 2.47 2.29
N TYR A 125 -34.23 3.57 2.52
CA TYR A 125 -34.39 4.78 1.72
C TYR A 125 -33.61 4.74 0.40
N TYR A 126 -32.46 4.08 0.39
CA TYR A 126 -31.82 3.74 -0.89
C TYR A 126 -32.82 2.91 -1.72
N LEU A 127 -33.42 1.90 -1.11
CA LEU A 127 -34.38 1.05 -1.80
C LEU A 127 -35.58 1.85 -2.31
N LYS A 128 -36.13 2.70 -1.44
CA LYS A 128 -37.28 3.53 -1.77
C LYS A 128 -37.03 4.42 -3.00
N SER A 129 -35.79 4.90 -3.15
CA SER A 129 -35.45 5.80 -4.26
C SER A 129 -35.36 5.11 -5.62
N GLU A 130 -35.12 3.80 -5.61
CA GLU A 130 -34.57 3.10 -6.77
C GLU A 130 -35.55 2.16 -7.48
N ASN A 131 -35.45 2.16 -8.80
CA ASN A 131 -36.11 1.17 -9.65
C ASN A 131 -35.07 0.58 -10.59
N LEU A 132 -34.48 -0.55 -10.20
CA LEU A 132 -33.45 -1.17 -11.01
C LEU A 132 -34.04 -2.09 -12.07
N THR A 133 -33.61 -1.91 -13.31
CA THR A 133 -33.95 -2.85 -14.37
C THR A 133 -32.88 -3.94 -14.39
N ALA A 134 -33.33 -5.18 -14.19
CA ALA A 134 -32.42 -6.33 -14.18
C ALA A 134 -31.69 -6.45 -15.50
N PRO A 135 -30.42 -6.89 -15.48
CA PRO A 135 -29.69 -7.01 -16.73
C PRO A 135 -30.27 -8.10 -17.64
N THR A 136 -30.17 -7.88 -18.95
CA THR A 136 -30.56 -8.87 -19.95
C THR A 136 -29.50 -9.96 -20.01
N SER A 137 -29.80 -11.04 -20.72
CA SER A 137 -28.83 -12.12 -20.85
CA SER A 137 -28.84 -12.13 -20.93
C SER A 137 -27.50 -11.63 -21.45
N SER A 138 -27.55 -10.74 -22.43
CA SER A 138 -26.31 -10.24 -23.03
C SER A 138 -25.52 -9.36 -22.05
N GLN A 139 -26.24 -8.60 -21.23
CA GLN A 139 -25.60 -7.78 -20.22
C GLN A 139 -24.98 -8.62 -19.10
N VAL A 140 -25.68 -9.69 -18.70
CA VAL A 140 -25.13 -10.66 -17.74
C VAL A 140 -23.82 -11.25 -18.28
N ALA A 141 -23.82 -11.65 -19.55
CA ALA A 141 -22.62 -12.25 -20.13
C ALA A 141 -21.43 -11.28 -20.11
N ALA A 142 -21.73 -9.98 -20.13
CA ALA A 142 -20.71 -8.94 -20.08
C ALA A 142 -20.20 -8.69 -18.65
N GLY A 143 -20.89 -9.26 -17.67
CA GLY A 143 -20.51 -9.11 -16.28
C GLY A 143 -21.50 -8.39 -15.38
N ALA A 144 -22.62 -7.91 -15.92
CA ALA A 144 -23.60 -7.16 -15.13
C ALA A 144 -24.29 -8.08 -14.12
N ALA A 145 -24.41 -7.58 -12.88
CA ALA A 145 -24.97 -8.35 -11.79
C ALA A 145 -25.54 -7.43 -10.72
N TYR A 146 -26.39 -7.99 -9.87
CA TYR A 146 -26.90 -7.25 -8.72
C TYR A 146 -27.41 -8.20 -7.65
N ASN A 147 -27.46 -7.70 -6.43
CA ASN A 147 -28.06 -8.42 -5.32
C ASN A 147 -29.49 -7.91 -5.16
N PRO A 148 -30.49 -8.75 -5.46
CA PRO A 148 -31.88 -8.28 -5.39
C PRO A 148 -32.28 -7.69 -4.03
N ALA A 149 -31.68 -8.17 -2.95
CA ALA A 149 -32.08 -7.74 -1.61
C ALA A 149 -31.75 -6.26 -1.33
N VAL A 150 -30.81 -5.70 -2.09
CA VAL A 150 -30.36 -4.33 -1.83
C VAL A 150 -30.71 -3.36 -2.96
N ASN A 151 -31.55 -3.79 -3.88
CA ASN A 151 -32.02 -2.92 -4.96
C ASN A 151 -33.53 -2.79 -4.98
N GLY A 152 -33.99 -1.55 -5.06
CA GLY A 152 -35.42 -1.26 -5.16
C GLY A 152 -35.95 -1.55 -6.55
N LYS A 153 -37.25 -1.83 -6.61
CA LYS A 153 -37.92 -2.13 -7.88
C LYS A 153 -39.01 -1.12 -8.23
N GLU A 154 -39.33 -0.21 -7.31
CA GLU A 154 -40.50 0.66 -7.48
C GLU A 154 -40.24 2.15 -7.31
N GLY A 155 -39.00 2.54 -7.03
CA GLY A 155 -38.67 3.94 -6.74
C GLY A 155 -38.66 4.82 -7.98
N PRO A 156 -38.62 6.15 -7.79
CA PRO A 156 -38.67 7.03 -8.95
C PRO A 156 -37.42 6.98 -9.81
N LEU A 157 -36.26 6.68 -9.22
CA LEU A 157 -35.00 6.72 -9.95
C LEU A 157 -34.73 5.41 -10.68
N LYS A 158 -34.90 5.44 -12.01
CA LYS A 158 -34.53 4.29 -12.84
C LYS A 158 -33.03 4.11 -12.89
N VAL A 159 -32.62 2.85 -12.72
CA VAL A 159 -31.21 2.45 -12.70
C VAL A 159 -31.07 1.21 -13.57
N GLY A 160 -29.95 1.11 -14.29
CA GLY A 160 -29.69 -0.08 -15.10
C GLY A 160 -28.40 0.04 -15.88
N TRP A 161 -28.28 -0.81 -16.89
CA TRP A 161 -27.09 -0.89 -17.73
C TRP A 161 -27.43 -0.51 -19.15
N SER A 162 -26.44 0.06 -19.82
CA SER A 162 -26.55 0.48 -21.21
C SER A 162 -26.97 -0.65 -22.13
N GLY A 163 -27.83 -0.30 -23.10
CA GLY A 163 -28.16 -1.19 -24.20
C GLY A 163 -26.95 -1.54 -25.04
N SER A 164 -25.90 -0.72 -24.97
CA SER A 164 -24.68 -0.95 -25.72
C SER A 164 -23.74 -1.99 -25.06
N LEU A 165 -24.04 -2.35 -23.81
CA LEU A 165 -23.16 -3.25 -23.05
C LEU A 165 -23.03 -4.64 -23.68
N ALA A 166 -21.78 -5.02 -23.99
CA ALA A 166 -21.47 -6.33 -24.55
C ALA A 166 -20.15 -6.80 -23.98
N SER A 167 -19.99 -8.12 -23.90
CA SER A 167 -18.76 -8.69 -23.39
CA SER A 167 -18.75 -8.72 -23.41
C SER A 167 -17.59 -8.35 -24.30
N GLY A 168 -16.41 -8.22 -23.71
CA GLY A 168 -15.21 -7.94 -24.48
C GLY A 168 -13.97 -8.29 -23.69
N ASN A 169 -12.85 -8.32 -24.41
CA ASN A 169 -11.58 -8.77 -23.85
C ASN A 169 -11.04 -7.96 -22.67
N LEU A 170 -11.29 -6.65 -22.68
CA LEU A 170 -10.71 -5.77 -21.65
C LEU A 170 -11.29 -6.03 -20.26
N SER A 171 -12.61 -6.11 -20.17
CA SER A 171 -13.25 -6.31 -18.88
C SER A 171 -12.96 -7.71 -18.31
N VAL A 172 -12.89 -8.71 -19.19
CA VAL A 172 -12.50 -10.06 -18.73
C VAL A 172 -11.07 -10.06 -18.18
N ALA A 173 -10.14 -9.43 -18.91
CA ALA A 173 -8.76 -9.34 -18.48
C ALA A 173 -8.61 -8.59 -17.17
N LEU A 174 -9.36 -7.48 -17.01
CA LEU A 174 -9.31 -6.72 -15.77
C LEU A 174 -9.79 -7.52 -14.58
N ASN A 175 -10.87 -8.28 -14.77
CA ASN A 175 -11.39 -9.14 -13.72
C ASN A 175 -10.27 -10.07 -13.24
N ARG A 176 -9.68 -10.81 -14.16
CA ARG A 176 -8.59 -11.73 -13.85
C ARG A 176 -7.39 -11.06 -13.21
N THR A 177 -7.01 -9.90 -13.74
CA THR A 177 -5.81 -9.19 -13.26
C THR A 177 -6.01 -8.66 -11.84
N PHE A 178 -7.17 -8.06 -11.57
CA PHE A 178 -7.48 -7.64 -10.22
C PHE A 178 -7.59 -8.81 -9.25
N GLN A 179 -8.23 -9.91 -9.67
CA GLN A 179 -8.27 -11.09 -8.80
C GLN A 179 -6.87 -11.58 -8.42
N ALA A 180 -5.95 -11.56 -9.38
CA ALA A 180 -4.57 -11.97 -9.13
C ALA A 180 -3.86 -11.03 -8.14
N ALA A 181 -4.30 -9.78 -8.12
CA ALA A 181 -3.79 -8.77 -7.18
C ALA A 181 -4.50 -8.86 -5.83
N GLY A 182 -5.46 -9.79 -5.72
CA GLY A 182 -6.16 -10.05 -4.47
C GLY A 182 -7.50 -9.34 -4.32
N VAL A 183 -7.96 -8.68 -5.38
CA VAL A 183 -9.21 -7.93 -5.37
C VAL A 183 -10.22 -8.61 -6.29
N PRO A 184 -11.19 -9.33 -5.70
CA PRO A 184 -12.11 -10.14 -6.50
C PRO A 184 -13.32 -9.39 -7.06
N TRP A 185 -13.92 -9.97 -8.08
CA TRP A 185 -15.20 -9.51 -8.57
C TRP A 185 -16.24 -9.64 -7.48
N VAL A 186 -17.13 -8.64 -7.40
CA VAL A 186 -18.28 -8.71 -6.52
C VAL A 186 -19.52 -8.44 -7.35
N GLU A 187 -20.62 -9.08 -6.97
CA GLU A 187 -21.85 -8.94 -7.75
C GLU A 187 -22.51 -7.56 -7.62
N ASP A 188 -22.27 -6.87 -6.52
CA ASP A 188 -22.98 -5.62 -6.24
C ASP A 188 -22.17 -4.81 -5.26
N VAL A 189 -21.80 -3.58 -5.64
CA VAL A 189 -21.07 -2.71 -4.72
C VAL A 189 -22.02 -1.90 -3.83
N ASN A 190 -23.32 -2.09 -4.00
CA ASN A 190 -24.33 -1.25 -3.35
C ASN A 190 -25.03 -1.86 -2.14
N GLY A 191 -24.48 -2.95 -1.63
CA GLY A 191 -25.03 -3.60 -0.44
C GLY A 191 -24.27 -3.27 0.82
N GLY A 192 -23.46 -2.22 0.80
CA GLY A 192 -22.74 -1.76 1.97
C GLY A 192 -21.30 -2.25 2.07
N LYS A 193 -20.93 -3.17 1.19
CA LYS A 193 -19.55 -3.66 1.13
C LYS A 193 -19.03 -3.41 -0.28
N MET A 194 -18.22 -2.38 -0.45
CA MET A 194 -17.86 -1.90 -1.78
C MET A 194 -16.58 -2.52 -2.33
N ARG A 195 -15.73 -3.08 -1.49
CA ARG A 195 -14.45 -3.56 -1.97
C ARG A 195 -14.60 -4.62 -3.06
N GLY A 196 -13.90 -4.45 -4.18
CA GLY A 196 -13.96 -5.40 -5.26
C GLY A 196 -13.99 -4.75 -6.63
N PHE A 197 -14.17 -5.58 -7.64
CA PHE A 197 -14.23 -5.21 -9.05
C PHE A 197 -15.67 -5.45 -9.51
N ASN A 198 -16.23 -4.55 -10.32
CA ASN A 198 -17.65 -4.60 -10.60
C ASN A 198 -18.02 -3.89 -11.90
N ILE A 199 -18.99 -4.45 -12.62
CA ILE A 199 -19.61 -3.80 -13.78
C ILE A 199 -20.81 -2.99 -13.26
N TYR A 200 -20.53 -1.74 -12.93
CA TYR A 200 -21.46 -0.91 -12.16
C TYR A 200 -22.64 -0.44 -12.99
N PRO A 201 -23.80 -0.26 -12.36
CA PRO A 201 -24.97 0.28 -13.04
C PRO A 201 -24.95 1.81 -13.08
N SER A 202 -25.89 2.36 -13.85
CA SER A 202 -26.00 3.80 -14.06
C SER A 202 -27.43 4.30 -13.84
N THR A 203 -27.55 5.61 -13.63
CA THR A 203 -28.84 6.29 -13.56
C THR A 203 -29.29 6.50 -15.00
N LEU A 204 -29.96 5.48 -15.51
CA LEU A 204 -30.31 5.39 -16.91
C LEU A 204 -31.72 4.82 -17.00
N ASP A 205 -32.55 5.43 -17.83
CA ASP A 205 -33.85 4.86 -18.17
C ASP A 205 -33.61 3.96 -19.37
N VAL A 206 -33.63 2.66 -19.17
CA VAL A 206 -33.37 1.71 -20.26
C VAL A 206 -34.55 1.55 -21.23
N ASP A 207 -35.78 1.74 -20.74
CA ASP A 207 -36.99 1.75 -21.60
C ASP A 207 -36.88 2.85 -22.67
N LEU A 208 -36.35 4.01 -22.30
CA LEU A 208 -36.24 5.17 -23.20
C LEU A 208 -34.83 5.40 -23.76
N ASN A 209 -33.85 4.72 -23.17
CA ASN A 209 -32.42 4.93 -23.47
C ASN A 209 -32.00 6.40 -23.33
N VAL A 210 -32.33 6.97 -22.18
CA VAL A 210 -31.92 8.33 -21.81
C VAL A 210 -31.36 8.36 -20.39
N ARG A 211 -30.52 9.35 -20.13
CA ARG A 211 -30.10 9.69 -18.78
C ARG A 211 -31.31 9.84 -17.86
N GLU A 212 -31.23 9.19 -16.70
CA GLU A 212 -32.23 9.35 -15.67
C GLU A 212 -31.75 10.36 -14.65
N ASP A 213 -32.02 11.64 -14.93
CA ASP A 213 -31.71 12.73 -14.00
C ASP A 213 -32.82 12.84 -12.96
N ALA A 214 -32.58 13.68 -11.95
CA ALA A 214 -33.52 13.83 -10.84
C ALA A 214 -34.89 14.38 -11.24
N ALA A 215 -34.93 15.20 -12.30
CA ALA A 215 -36.19 15.79 -12.73
C ALA A 215 -37.05 14.77 -13.47
N ARG A 216 -36.44 14.02 -14.38
CA ARG A 216 -37.16 12.92 -15.02
C ARG A 216 -37.63 11.88 -14.01
N ALA A 217 -36.86 11.68 -12.94
CA ALA A 217 -37.26 10.75 -11.89
C ALA A 217 -38.36 11.29 -10.96
N TYR A 218 -38.11 12.45 -10.35
CA TYR A 218 -38.90 12.94 -9.23
C TYR A 218 -39.85 14.10 -9.55
N TYR A 219 -39.71 14.71 -10.73
CA TYR A 219 -40.52 15.87 -11.04
C TYR A 219 -41.54 15.66 -12.16
N PHE A 220 -41.06 15.41 -13.37
CA PHE A 220 -41.94 15.38 -14.53
C PHE A 220 -43.11 14.39 -14.45
N PRO A 221 -42.90 13.17 -13.90
CA PRO A 221 -44.05 12.26 -13.79
C PRO A 221 -45.11 12.73 -12.79
N TYR A 222 -44.83 13.83 -12.09
CA TYR A 222 -45.68 14.32 -11.01
C TYR A 222 -46.12 15.77 -11.21
N ASP A 223 -45.82 16.33 -12.38
CA ASP A 223 -45.99 17.78 -12.59
C ASP A 223 -47.43 18.23 -12.79
N ASP A 224 -48.37 17.30 -12.71
CA ASP A 224 -49.80 17.60 -12.76
C ASP A 224 -50.36 17.91 -11.37
N ARG A 225 -49.54 17.73 -10.33
CA ARG A 225 -49.94 18.05 -8.96
C ARG A 225 -50.18 19.55 -8.81
N LYS A 226 -51.42 19.91 -8.46
CA LYS A 226 -51.83 21.30 -8.31
C LYS A 226 -51.22 21.98 -7.09
N ASN A 227 -50.76 21.18 -6.14
CA ASN A 227 -50.15 21.68 -4.90
C ASN A 227 -48.62 21.81 -4.99
N LEU A 228 -48.07 21.42 -6.13
CA LEU A 228 -46.64 21.54 -6.40
C LEU A 228 -46.43 22.66 -7.42
N HIS A 229 -45.64 23.65 -7.04
CA HIS A 229 -45.42 24.81 -7.87
C HIS A 229 -43.94 24.96 -8.14
N LEU A 230 -43.60 25.38 -9.35
CA LEU A 230 -42.22 25.55 -9.75
C LEU A 230 -41.98 26.93 -10.34
N LEU A 231 -40.98 27.63 -9.82
CA LEU A 231 -40.47 28.83 -10.45
C LEU A 231 -39.07 28.56 -11.00
N GLU A 232 -38.99 28.45 -12.31
CA GLU A 232 -37.72 28.30 -13.02
C GLU A 232 -37.10 29.66 -13.24
N ASN A 233 -35.82 29.68 -13.60
CA ASN A 233 -35.09 30.92 -13.86
C ASN A 233 -35.25 31.91 -12.72
N THR A 234 -35.23 31.38 -11.50
CA THR A 234 -35.51 32.15 -10.28
C THR A 234 -34.45 31.86 -9.23
N THR A 235 -33.71 32.89 -8.84
CA THR A 235 -32.63 32.74 -7.86
C THR A 235 -33.08 33.16 -6.47
N ALA A 236 -32.89 32.27 -5.50
CA ALA A 236 -33.06 32.61 -4.09
C ALA A 236 -31.81 33.32 -3.59
N ASN A 237 -31.98 34.51 -3.02
CA ASN A 237 -30.84 35.26 -2.50
C ASN A 237 -30.53 34.93 -1.05
N ARG A 238 -31.58 34.81 -0.25
CA ARG A 238 -31.47 34.75 1.19
C ARG A 238 -32.86 34.54 1.78
N LEU A 239 -32.88 34.12 3.02
CA LEU A 239 -34.10 34.02 3.78
C LEU A 239 -34.32 35.32 4.54
N PHE A 240 -35.58 35.58 4.89
CA PHE A 240 -35.91 36.63 5.85
C PHE A 240 -36.73 36.02 6.97
N TRP A 241 -36.73 36.69 8.12
CA TRP A 241 -37.14 36.11 9.38
C TRP A 241 -38.38 36.79 9.94
N LYS A 242 -39.17 36.02 10.68
CA LYS A 242 -40.25 36.58 11.48
C LYS A 242 -39.66 37.46 12.56
N ASN A 243 -40.35 38.56 12.85
CA ASN A 243 -39.93 39.44 13.91
C ASN A 243 -40.77 39.21 15.17
N GLY A 244 -40.16 38.57 16.16
CA GLY A 244 -40.82 38.25 17.43
C GLY A 244 -39.95 38.63 18.61
N SER A 245 -40.08 37.89 19.70
CA SER A 245 -39.36 38.19 20.94
C SER A 245 -38.33 37.12 21.33
N ALA A 246 -38.45 35.94 20.73
CA ALA A 246 -37.63 34.78 21.10
C ALA A 246 -36.30 34.72 20.34
N GLU A 247 -35.30 34.10 20.96
CA GLU A 247 -33.97 33.95 20.36
C GLU A 247 -34.01 33.06 19.11
N GLU A 248 -34.73 31.95 19.18
CA GLU A 248 -34.78 31.02 18.07
C GLU A 248 -35.35 31.69 16.82
N ALA A 249 -34.63 31.56 15.71
CA ALA A 249 -35.00 32.21 14.47
C ALA A 249 -36.06 31.40 13.73
N ILE A 250 -37.12 32.08 13.31
CA ILE A 250 -38.17 31.45 12.52
C ILE A 250 -38.15 32.08 11.14
N ALA A 251 -37.86 31.27 10.11
CA ALA A 251 -37.87 31.78 8.74
C ALA A 251 -39.28 32.12 8.34
N ASP A 252 -39.43 33.29 7.73
CA ASP A 252 -40.71 33.77 7.22
C ASP A 252 -40.82 33.44 5.74
N GLY A 253 -39.71 33.57 5.01
CA GLY A 253 -39.74 33.30 3.59
C GLY A 253 -38.39 33.44 2.94
N VAL A 254 -38.43 33.53 1.61
CA VAL A 254 -37.22 33.60 0.78
C VAL A 254 -37.36 34.78 -0.17
N GLU A 255 -36.29 35.57 -0.26
CA GLU A 255 -36.20 36.65 -1.23
C GLU A 255 -35.67 36.08 -2.55
N ILE A 256 -36.35 36.40 -3.64
CA ILE A 256 -36.01 35.87 -4.95
C ILE A 256 -35.79 36.95 -5.99
N THR A 257 -34.90 36.69 -6.93
CA THR A 257 -34.70 37.54 -8.09
C THR A 257 -35.08 36.76 -9.34
N SER A 258 -36.01 37.29 -10.10
CA SER A 258 -36.51 36.65 -11.30
C SER A 258 -35.67 37.06 -12.52
N ALA A 259 -35.94 36.41 -13.65
CA ALA A 259 -35.15 36.62 -14.88
C ALA A 259 -35.20 38.06 -15.39
N ASP A 260 -36.29 38.76 -15.10
CA ASP A 260 -36.44 40.16 -15.48
C ASP A 260 -35.76 41.13 -14.51
N GLY A 261 -35.10 40.57 -13.49
CA GLY A 261 -34.37 41.38 -12.53
C GLY A 261 -35.17 41.85 -11.33
N LYS A 262 -36.47 41.56 -11.31
CA LYS A 262 -37.32 41.98 -10.20
C LYS A 262 -37.06 41.16 -8.95
N VAL A 263 -36.95 41.84 -7.81
CA VAL A 263 -36.65 41.20 -6.52
C VAL A 263 -37.93 41.21 -5.70
N THR A 264 -38.40 40.02 -5.33
CA THR A 264 -39.65 39.89 -4.61
C THR A 264 -39.49 38.84 -3.51
N ARG A 265 -40.60 38.48 -2.89
CA ARG A 265 -40.58 37.56 -1.78
C ARG A 265 -41.63 36.47 -1.94
N VAL A 266 -41.31 35.30 -1.41
CA VAL A 266 -42.26 34.22 -1.24
C VAL A 266 -42.19 33.80 0.23
N HIS A 267 -43.28 33.26 0.76
CA HIS A 267 -43.42 33.00 2.18
C HIS A 267 -43.73 31.55 2.43
N ALA A 268 -43.21 31.02 3.53
CA ALA A 268 -43.44 29.65 3.95
C ALA A 268 -44.19 29.62 5.26
N LYS A 269 -45.31 28.89 5.31
CA LYS A 269 -46.07 28.76 6.55
C LYS A 269 -45.41 27.77 7.52
N LYS A 270 -44.77 26.75 6.97
CA LYS A 270 -44.15 25.71 7.80
C LYS A 270 -42.63 25.82 7.80
N GLU A 271 -41.96 25.43 6.71
CA GLU A 271 -40.49 25.36 6.71
C GLU A 271 -39.91 25.77 5.37
N VAL A 272 -38.66 26.23 5.45
CA VAL A 272 -37.83 26.46 4.26
C VAL A 272 -36.75 25.39 4.23
N ILE A 273 -36.70 24.69 3.09
CA ILE A 273 -35.71 23.64 2.85
C ILE A 273 -34.71 24.15 1.83
N ILE A 274 -33.44 24.21 2.23
CA ILE A 274 -32.39 24.70 1.36
C ILE A 274 -31.66 23.52 0.74
N SER A 275 -31.70 23.45 -0.59
CA SER A 275 -31.15 22.33 -1.37
C SER A 275 -30.40 22.87 -2.58
N ALA A 276 -29.64 23.94 -2.38
CA ALA A 276 -28.97 24.63 -3.48
C ALA A 276 -27.59 24.06 -3.83
N GLY A 277 -27.21 22.97 -3.16
CA GLY A 277 -25.90 22.34 -3.36
C GLY A 277 -24.88 22.78 -2.35
N ALA A 278 -23.82 21.99 -2.20
CA ALA A 278 -22.80 22.24 -1.19
C ALA A 278 -22.06 23.56 -1.41
N LEU A 279 -22.09 24.07 -2.63
CA LEU A 279 -21.40 25.32 -2.96
C LEU A 279 -22.32 26.53 -3.01
N ARG A 280 -23.59 26.35 -2.62
CA ARG A 280 -24.52 27.49 -2.56
C ARG A 280 -25.33 27.57 -1.29
N SER A 281 -25.80 26.44 -0.77
CA SER A 281 -26.59 26.44 0.46
C SER A 281 -25.93 27.20 1.63
N PRO A 282 -24.62 26.97 1.91
CA PRO A 282 -24.03 27.73 3.01
C PRO A 282 -24.00 29.24 2.74
N LEU A 283 -23.88 29.63 1.47
CA LEU A 283 -23.89 31.05 1.12
C LEU A 283 -25.25 31.68 1.35
N ILE A 284 -26.31 30.94 1.01
CA ILE A 284 -27.65 31.42 1.28
C ILE A 284 -27.82 31.63 2.78
N LEU A 285 -27.33 30.69 3.59
CA LEU A 285 -27.34 30.88 5.04
C LEU A 285 -26.59 32.15 5.45
N GLU A 286 -25.37 32.35 4.97
CA GLU A 286 -24.61 33.53 5.35
C GLU A 286 -25.35 34.83 5.00
N LEU A 287 -25.91 34.88 3.80
CA LEU A 287 -26.64 36.09 3.37
C LEU A 287 -27.88 36.31 4.19
N SER A 288 -28.39 35.24 4.82
CA SER A 288 -29.54 35.31 5.72
C SER A 288 -29.14 35.65 7.15
N GLY A 289 -27.86 35.87 7.39
CA GLY A 289 -27.39 36.15 8.75
C GLY A 289 -27.15 34.92 9.62
N VAL A 290 -26.99 33.75 9.00
CA VAL A 290 -26.66 32.53 9.74
C VAL A 290 -25.26 32.11 9.36
N GLY A 291 -24.31 32.26 10.28
CA GLY A 291 -22.93 31.99 9.95
C GLY A 291 -21.97 32.60 10.95
N ASN A 292 -20.72 32.75 10.53
CA ASN A 292 -19.68 33.30 11.38
C ASN A 292 -19.84 34.82 11.49
N PRO A 293 -20.11 35.34 12.70
CA PRO A 293 -20.27 36.79 12.86
C PRO A 293 -19.14 37.64 12.28
N THR A 294 -17.89 37.18 12.31
CA THR A 294 -16.79 37.99 11.76
C THR A 294 -16.97 38.19 10.25
N ILE A 295 -17.38 37.13 9.56
CA ILE A 295 -17.60 37.19 8.12
C ILE A 295 -18.85 38.01 7.79
N LEU A 296 -19.91 37.80 8.55
CA LEU A 296 -21.14 38.55 8.36
C LEU A 296 -20.91 40.05 8.59
N LYS A 297 -20.22 40.38 9.67
CA LYS A 297 -19.98 41.78 10.00
C LYS A 297 -19.09 42.48 8.98
N LYS A 298 -18.10 41.77 8.42
CA LYS A 298 -17.27 42.31 7.35
C LYS A 298 -18.12 42.72 6.14
N ASN A 299 -19.26 42.04 5.98
CA ASN A 299 -20.15 42.28 4.86
C ASN A 299 -21.43 43.04 5.24
N ASN A 300 -21.38 43.68 6.40
CA ASN A 300 -22.49 44.49 6.91
C ASN A 300 -23.79 43.70 7.07
N ILE A 301 -23.67 42.42 7.44
CA ILE A 301 -24.83 41.58 7.72
C ILE A 301 -24.89 41.34 9.22
N THR A 302 -26.05 41.65 9.83
CA THR A 302 -26.25 41.37 11.25
C THR A 302 -26.52 39.89 11.44
N PRO A 303 -25.77 39.22 12.35
CA PRO A 303 -26.11 37.81 12.59
C PRO A 303 -27.49 37.65 13.21
N ARG A 304 -28.27 36.77 12.60
CA ARG A 304 -29.49 36.25 13.21
C ARG A 304 -29.17 35.01 14.06
N VAL A 305 -28.20 34.22 13.60
CA VAL A 305 -27.70 33.05 14.32
C VAL A 305 -26.18 33.00 14.22
N ASP A 306 -25.52 32.93 15.36
CA ASP A 306 -24.07 32.80 15.46
C ASP A 306 -23.72 31.32 15.28
N LEU A 307 -23.30 30.96 14.07
CA LEU A 307 -23.08 29.56 13.71
C LEU A 307 -21.85 29.52 12.81
N PRO A 308 -20.66 29.62 13.43
CA PRO A 308 -19.48 29.99 12.65
C PRO A 308 -18.86 28.91 11.77
N THR A 309 -19.41 27.71 11.82
CA THR A 309 -18.96 26.64 10.93
C THR A 309 -19.79 26.51 9.66
N VAL A 310 -20.76 27.41 9.45
CA VAL A 310 -21.38 27.49 8.12
C VAL A 310 -20.29 27.77 7.10
N GLY A 311 -20.19 26.93 6.07
CA GLY A 311 -19.18 27.08 5.03
C GLY A 311 -17.85 26.41 5.35
N GLU A 312 -17.64 26.02 6.61
CA GLU A 312 -16.45 25.29 7.00
C GLU A 312 -16.64 23.79 6.75
N ASN A 313 -15.57 23.02 6.95
CA ASN A 313 -15.60 21.57 6.81
C ASN A 313 -15.88 21.08 5.38
N LEU A 314 -15.56 21.92 4.39
CA LEU A 314 -15.63 21.55 2.98
C LEU A 314 -14.63 20.43 2.71
N GLN A 315 -15.13 19.31 2.21
CA GLN A 315 -14.31 18.13 1.89
C GLN A 315 -14.63 17.75 0.46
N ASP A 316 -13.60 17.63 -0.38
CA ASP A 316 -13.81 17.20 -1.77
C ASP A 316 -12.68 16.22 -2.13
N GLN A 317 -12.85 15.53 -3.24
CA GLN A 317 -11.82 14.66 -3.79
C GLN A 317 -11.25 15.27 -5.06
N PHE A 318 -10.08 14.78 -5.46
CA PHE A 318 -9.52 15.15 -6.75
C PHE A 318 -9.19 13.89 -7.54
N ASN A 319 -9.40 13.94 -8.84
CA ASN A 319 -9.11 12.79 -9.68
C ASN A 319 -7.98 13.04 -10.66
N ASN A 320 -7.46 11.95 -11.18
CA ASN A 320 -6.45 11.95 -12.22
C ASN A 320 -6.80 10.85 -13.20
N GLY A 321 -6.06 10.81 -14.31
CA GLY A 321 -6.33 9.84 -15.36
C GLY A 321 -5.07 9.27 -15.93
N MET A 322 -5.14 7.99 -16.27
CA MET A 322 -4.06 7.29 -16.94
C MET A 322 -4.62 6.62 -18.19
N ALA A 323 -3.73 6.10 -19.04
CA ALA A 323 -4.17 5.47 -20.28
C ALA A 323 -3.15 4.45 -20.75
N GLY A 324 -3.65 3.47 -21.50
CA GLY A 324 -2.82 2.44 -22.11
C GLY A 324 -3.19 2.25 -23.57
N GLU A 325 -2.30 1.54 -24.28
CA GLU A 325 -2.50 1.21 -25.69
C GLU A 325 -2.43 -0.29 -25.87
N GLY A 326 -3.46 -0.86 -26.50
CA GLY A 326 -3.50 -2.28 -26.78
C GLY A 326 -2.72 -2.63 -28.03
N TYR A 327 -2.28 -3.89 -28.09
CA TYR A 327 -1.72 -4.44 -29.33
C TYR A 327 -2.78 -4.40 -30.42
N GLY A 328 -4.01 -4.71 -30.04
CA GLY A 328 -5.16 -4.62 -30.92
C GLY A 328 -6.33 -3.92 -30.25
N VAL A 329 -7.51 -4.11 -30.84
CA VAL A 329 -8.74 -3.48 -30.36
C VAL A 329 -9.13 -3.98 -28.97
N LEU A 330 -9.47 -3.03 -28.11
CA LEU A 330 -9.94 -3.32 -26.77
C LEU A 330 -11.44 -3.04 -26.69
N ALA A 331 -12.16 -3.94 -26.02
CA ALA A 331 -13.61 -3.83 -25.93
C ALA A 331 -14.16 -4.40 -24.63
N GLY A 332 -15.40 -4.06 -24.32
CA GLY A 332 -16.08 -4.68 -23.21
C GLY A 332 -16.81 -3.69 -22.33
N ALA A 333 -16.94 -4.06 -21.06
CA ALA A 333 -17.69 -3.28 -20.09
C ALA A 333 -16.80 -2.19 -19.49
N SER A 334 -17.43 -1.08 -19.07
CA SER A 334 -16.78 -0.15 -18.15
C SER A 334 -16.84 -0.76 -16.75
N THR A 335 -15.75 -0.64 -16.04
CA THR A 335 -15.65 -1.31 -14.74
C THR A 335 -15.17 -0.34 -13.66
N VAL A 336 -15.51 -0.67 -12.42
CA VAL A 336 -14.99 0.04 -11.26
C VAL A 336 -14.29 -0.95 -10.33
N THR A 337 -13.20 -0.51 -9.73
CA THR A 337 -12.53 -1.27 -8.70
C THR A 337 -12.39 -0.38 -7.47
N TYR A 338 -12.72 -0.94 -6.32
CA TYR A 338 -12.65 -0.25 -5.04
C TYR A 338 -11.66 -1.00 -4.14
N PRO A 339 -10.37 -0.67 -4.24
CA PRO A 339 -9.37 -1.36 -3.41
C PRO A 339 -9.21 -0.72 -2.03
N SER A 340 -8.89 -1.55 -1.03
CA SER A 340 -8.56 -1.07 0.31
C SER A 340 -7.12 -0.59 0.39
N ILE A 341 -6.75 -0.02 1.54
CA ILE A 341 -5.38 0.42 1.76
C ILE A 341 -4.35 -0.71 1.53
N SER A 342 -4.66 -1.92 2.00
CA SER A 342 -3.73 -3.04 1.84
C SER A 342 -3.71 -3.57 0.41
N ASP A 343 -4.82 -3.43 -0.32
CA ASP A 343 -4.81 -3.75 -1.73
C ASP A 343 -3.86 -2.84 -2.51
N VAL A 344 -3.88 -1.54 -2.21
CA VAL A 344 -3.04 -0.57 -2.91
C VAL A 344 -1.58 -0.65 -2.49
N PHE A 345 -1.33 -0.77 -1.19
CA PHE A 345 0.03 -0.63 -0.67
C PHE A 345 0.70 -1.95 -0.32
N GLY A 346 -0.05 -3.05 -0.28
CA GLY A 346 0.55 -4.35 -0.01
C GLY A 346 1.42 -4.35 1.23
N ASN A 347 2.68 -4.76 1.07
CA ASN A 347 3.57 -4.92 2.22
C ASN A 347 4.10 -3.63 2.83
N GLU A 348 3.86 -2.51 2.17
CA GLU A 348 4.22 -1.21 2.72
C GLU A 348 3.08 -0.61 3.52
N THR A 349 1.97 -1.35 3.63
CA THR A 349 0.79 -0.84 4.34
C THR A 349 1.12 -0.43 5.76
N ASP A 350 1.81 -1.31 6.50
CA ASP A 350 2.10 -1.03 7.91
C ASP A 350 2.87 0.28 8.07
N SER A 351 3.83 0.52 7.18
CA SER A 351 4.62 1.75 7.25
CA SER A 351 4.63 1.75 7.20
C SER A 351 3.78 2.98 6.89
N ILE A 352 2.93 2.85 5.87
CA ILE A 352 2.00 3.91 5.46
C ILE A 352 1.05 4.25 6.63
N VAL A 353 0.51 3.22 7.26
CA VAL A 353 -0.38 3.38 8.40
C VAL A 353 0.31 4.08 9.57
N ALA A 354 1.54 3.66 9.89
CA ALA A 354 2.32 4.28 10.97
C ALA A 354 2.56 5.76 10.70
N SER A 355 2.93 6.08 9.47
CA SER A 355 3.16 7.47 9.07
CA SER A 355 3.16 7.46 9.05
C SER A 355 1.88 8.29 9.23
N LEU A 356 0.78 7.78 8.68
CA LEU A 356 -0.51 8.47 8.79
C LEU A 356 -0.93 8.68 10.25
N ARG A 357 -0.80 7.63 11.07
CA ARG A 357 -1.14 7.74 12.48
C ARG A 357 -0.36 8.87 13.17
N SER A 358 0.91 9.01 12.82
CA SER A 358 1.80 10.01 13.41
C SER A 358 1.46 11.43 12.95
N GLN A 359 0.60 11.54 11.94
CA GLN A 359 0.27 12.82 11.32
C GLN A 359 -1.09 13.39 11.72
N LEU A 360 -1.97 12.55 12.27
CA LEU A 360 -3.37 12.95 12.52
C LEU A 360 -3.53 14.19 13.38
N SER A 361 -2.80 14.29 14.49
CA SER A 361 -2.92 15.45 15.37
CA SER A 361 -2.89 15.45 15.37
C SER A 361 -2.39 16.72 14.69
N ASP A 362 -1.36 16.56 13.86
CA ASP A 362 -0.83 17.67 13.08
C ASP A 362 -1.79 18.10 11.96
N TYR A 363 -2.47 17.15 11.31
CA TYR A 363 -3.52 17.50 10.37
C TYR A 363 -4.58 18.34 11.07
N ALA A 364 -5.01 17.88 12.25
CA ALA A 364 -6.03 18.58 13.02
C ALA A 364 -5.61 20.01 13.34
N ALA A 365 -4.37 20.19 13.79
CA ALA A 365 -3.88 21.51 14.12
C ALA A 365 -3.91 22.45 12.93
N ALA A 366 -3.54 21.95 11.76
CA ALA A 366 -3.60 22.75 10.54
C ALA A 366 -5.05 23.12 10.20
N THR A 367 -5.96 22.18 10.32
CA THR A 367 -7.36 22.43 10.00
C THR A 367 -8.01 23.43 10.98
N VAL A 368 -7.60 23.41 12.24
CA VAL A 368 -8.07 24.43 13.20
C VAL A 368 -7.89 25.83 12.60
N LYS A 369 -6.70 26.06 12.05
CA LYS A 369 -6.39 27.36 11.46
C LYS A 369 -7.19 27.69 10.19
N VAL A 370 -7.50 26.67 9.39
CA VAL A 370 -8.33 26.86 8.19
C VAL A 370 -9.67 27.50 8.56
N SER A 371 -10.22 27.04 9.68
CA SER A 371 -11.52 27.48 10.19
C SER A 371 -11.42 28.67 11.13
N ASN A 372 -10.24 29.30 11.21
CA ASN A 372 -9.95 30.41 12.15
C ASN A 372 -10.31 30.07 13.60
N GLY A 373 -10.11 28.80 13.96
CA GLY A 373 -10.34 28.33 15.33
C GLY A 373 -11.74 27.88 15.65
N HIS A 374 -12.64 27.89 14.65
CA HIS A 374 -14.03 27.51 14.88
C HIS A 374 -14.30 26.02 14.87
N MET A 375 -13.32 25.26 14.41
CA MET A 375 -13.28 23.83 14.68
C MET A 375 -12.14 23.64 15.65
N LYS A 376 -12.38 22.94 16.75
CA LYS A 376 -11.40 22.79 17.82
C LYS A 376 -10.45 21.62 17.59
N GLN A 377 -9.24 21.75 18.13
CA GLN A 377 -8.22 20.71 18.04
C GLN A 377 -8.74 19.34 18.44
N GLU A 378 -9.34 19.26 19.63
CA GLU A 378 -9.85 18.00 20.14
C GLU A 378 -10.90 17.39 19.24
N ASP A 379 -11.77 18.25 18.69
CA ASP A 379 -12.88 17.78 17.88
C ASP A 379 -12.36 17.22 16.57
N LEU A 380 -11.43 17.94 15.95
CA LEU A 380 -10.83 17.50 14.69
C LEU A 380 -10.01 16.24 14.86
N GLU A 381 -9.29 16.13 15.98
CA GLU A 381 -8.54 14.90 16.26
C GLU A 381 -9.48 13.69 16.26
N ARG A 382 -10.64 13.86 16.89
CA ARG A 382 -11.59 12.77 16.98
C ARG A 382 -12.25 12.45 15.64
N LEU A 383 -12.58 13.48 14.87
CA LEU A 383 -13.14 13.28 13.54
C LEU A 383 -12.13 12.57 12.64
N TYR A 384 -10.87 12.99 12.69
CA TYR A 384 -9.85 12.38 11.86
C TYR A 384 -9.54 10.95 12.31
N GLN A 385 -9.67 10.69 13.62
CA GLN A 385 -9.53 9.33 14.13
C GLN A 385 -10.61 8.40 13.58
N LEU A 386 -11.84 8.90 13.48
CA LEU A 386 -12.92 8.11 12.90
C LEU A 386 -12.58 7.73 11.46
N GLN A 387 -12.08 8.69 10.68
CA GLN A 387 -11.72 8.43 9.30
C GLN A 387 -10.54 7.45 9.20
N PHE A 388 -9.53 7.68 10.04
CA PHE A 388 -8.38 6.77 10.12
C PHE A 388 -8.84 5.34 10.39
N ASP A 389 -9.73 5.17 11.37
CA ASP A 389 -10.20 3.83 11.73
C ASP A 389 -10.95 3.17 10.58
N LEU A 390 -11.76 3.94 9.85
CA LEU A 390 -12.44 3.40 8.67
C LEU A 390 -11.43 2.85 7.67
N ILE A 391 -10.38 3.62 7.41
CA ILE A 391 -9.35 3.22 6.45
C ILE A 391 -8.55 2.00 6.95
N VAL A 392 -8.13 2.06 8.21
CA VAL A 392 -7.11 1.16 8.73
C VAL A 392 -7.69 -0.09 9.37
N LYS A 393 -8.80 0.07 10.08
CA LYS A 393 -9.39 -1.02 10.85
C LYS A 393 -10.54 -1.69 10.11
N ASP A 394 -11.45 -0.87 9.55
CA ASP A 394 -12.59 -1.39 8.79
C ASP A 394 -12.22 -1.72 7.34
N LYS A 395 -11.06 -1.22 6.91
CA LYS A 395 -10.54 -1.47 5.55
C LYS A 395 -11.51 -1.03 4.45
N VAL A 396 -12.13 0.14 4.64
CA VAL A 396 -12.99 0.66 3.58
C VAL A 396 -12.14 1.00 2.35
N PRO A 397 -12.75 0.98 1.16
CA PRO A 397 -11.94 1.35 0.00
C PRO A 397 -11.30 2.73 0.12
N ILE A 398 -10.07 2.85 -0.34
CA ILE A 398 -9.37 4.14 -0.33
C ILE A 398 -9.28 4.78 -1.72
N ALA A 399 -9.72 4.06 -2.74
CA ALA A 399 -9.65 4.54 -4.11
C ALA A 399 -10.87 4.09 -4.87
N GLU A 400 -11.27 4.90 -5.85
CA GLU A 400 -12.09 4.43 -6.95
C GLU A 400 -11.22 4.40 -8.18
N ILE A 401 -11.22 3.28 -8.89
CA ILE A 401 -10.50 3.13 -10.15
C ILE A 401 -11.47 2.70 -11.24
N LEU A 402 -11.75 3.61 -12.17
CA LEU A 402 -12.55 3.28 -13.34
C LEU A 402 -11.66 2.88 -14.50
N PHE A 403 -12.08 1.86 -15.24
CA PHE A 403 -11.45 1.50 -16.50
C PHE A 403 -12.52 1.53 -17.58
N HIS A 404 -12.18 2.18 -18.71
CA HIS A 404 -13.09 2.39 -19.83
C HIS A 404 -12.40 1.97 -21.13
N PRO A 405 -13.07 1.18 -22.00
CA PRO A 405 -12.54 1.13 -23.36
C PRO A 405 -12.61 2.54 -23.97
N GLY A 406 -11.52 2.97 -24.60
CA GLY A 406 -11.46 4.33 -25.14
C GLY A 406 -11.69 4.41 -26.64
N GLY A 407 -12.13 3.28 -27.22
CA GLY A 407 -12.27 3.17 -28.67
C GLY A 407 -10.97 2.68 -29.30
N GLY A 408 -11.08 1.75 -30.24
CA GLY A 408 -9.91 1.17 -30.90
C GLY A 408 -9.00 0.45 -29.92
N ASN A 409 -7.72 0.80 -29.94
CA ASN A 409 -6.74 0.16 -29.06
C ASN A 409 -6.57 0.87 -27.70
N ALA A 410 -7.36 1.91 -27.48
CA ALA A 410 -7.20 2.73 -26.28
C ALA A 410 -7.96 2.19 -25.08
N VAL A 411 -7.30 2.26 -23.92
CA VAL A 411 -7.98 2.07 -22.63
C VAL A 411 -7.67 3.27 -21.75
N SER A 412 -8.70 3.79 -21.08
CA SER A 412 -8.48 4.86 -20.13
CA SER A 412 -8.60 4.91 -20.15
C SER A 412 -8.86 4.42 -18.72
N SER A 413 -8.17 5.02 -17.76
CA SER A 413 -8.49 4.84 -16.35
C SER A 413 -8.66 6.22 -15.74
N GLU A 414 -9.69 6.37 -14.92
CA GLU A 414 -9.92 7.59 -14.14
C GLU A 414 -9.97 7.14 -12.70
N PHE A 415 -9.30 7.85 -11.81
CA PHE A 415 -9.15 7.37 -10.44
C PHE A 415 -9.01 8.51 -9.45
N TRP A 416 -9.35 8.22 -8.20
CA TRP A 416 -9.24 9.20 -7.14
C TRP A 416 -9.16 8.54 -5.78
N GLY A 417 -8.35 9.14 -4.92
CA GLY A 417 -8.39 8.83 -3.49
C GLY A 417 -9.75 9.21 -2.93
N LEU A 418 -10.35 8.30 -2.18
CA LEU A 418 -11.71 8.51 -1.70
C LEU A 418 -11.81 9.33 -0.43
N LEU A 419 -10.79 9.21 0.42
CA LEU A 419 -10.83 9.78 1.77
C LEU A 419 -9.59 10.61 2.07
N PRO A 420 -9.35 11.68 1.29
CA PRO A 420 -8.33 12.63 1.71
C PRO A 420 -8.72 13.29 3.04
N PHE A 421 -7.75 13.81 3.76
CA PHE A 421 -8.02 14.49 5.02
C PHE A 421 -8.19 16.01 4.88
N ALA A 422 -7.80 16.59 3.74
CA ALA A 422 -7.86 18.04 3.60
C ALA A 422 -9.27 18.58 3.78
N ARG A 423 -9.39 19.61 4.59
CA ARG A 423 -10.63 20.39 4.70
C ARG A 423 -10.38 21.83 4.33
N GLY A 424 -11.37 22.41 3.65
CA GLY A 424 -11.32 23.80 3.28
C GLY A 424 -12.61 24.48 3.68
N ASN A 425 -12.96 25.51 2.92
CA ASN A 425 -14.18 26.25 3.21
C ASN A 425 -14.71 26.99 2.00
N ILE A 426 -15.92 27.50 2.16
CA ILE A 426 -16.53 28.36 1.17
C ILE A 426 -17.22 29.49 1.93
N HIS A 427 -17.05 30.72 1.46
CA HIS A 427 -17.67 31.88 2.10
C HIS A 427 -18.04 32.94 1.09
N ILE A 428 -19.08 33.70 1.41
CA ILE A 428 -19.44 34.86 0.60
C ILE A 428 -18.26 35.80 0.48
N SER A 429 -18.18 36.48 -0.66
CA SER A 429 -17.12 37.47 -0.86
CA SER A 429 -17.14 37.47 -0.94
C SER A 429 -17.67 38.88 -0.70
N SER A 430 -18.99 38.99 -0.57
CA SER A 430 -19.70 40.27 -0.54
C SER A 430 -21.12 40.00 -0.05
N ASN A 431 -21.83 41.07 0.28
CA ASN A 431 -23.27 40.98 0.52
C ASN A 431 -24.09 40.95 -0.78
N ASP A 432 -23.42 41.11 -1.93
CA ASP A 432 -24.08 41.07 -3.23
C ASP A 432 -24.38 39.61 -3.57
N PRO A 433 -25.67 39.24 -3.72
CA PRO A 433 -25.99 37.82 -3.96
C PRO A 433 -25.50 37.25 -5.29
N THR A 434 -25.02 38.11 -6.20
CA THR A 434 -24.45 37.65 -7.47
C THR A 434 -22.93 37.48 -7.42
N ALA A 435 -22.31 37.90 -6.32
CA ALA A 435 -20.85 37.86 -6.23
C ALA A 435 -20.32 36.43 -6.09
N PRO A 436 -19.30 36.06 -6.87
CA PRO A 436 -18.72 34.73 -6.74
C PRO A 436 -18.15 34.53 -5.35
N ALA A 437 -18.37 33.34 -4.80
CA ALA A 437 -17.86 33.00 -3.47
C ALA A 437 -16.35 32.76 -3.53
N ALA A 438 -15.71 32.82 -2.37
CA ALA A 438 -14.35 32.34 -2.19
C ALA A 438 -14.46 30.86 -1.83
N ILE A 439 -14.05 29.99 -2.75
CA ILE A 439 -14.17 28.55 -2.58
C ILE A 439 -12.78 27.95 -2.49
N ASN A 440 -12.49 27.29 -1.37
CA ASN A 440 -11.16 26.75 -1.16
C ASN A 440 -11.20 25.31 -0.64
N PRO A 441 -11.11 24.32 -1.55
CA PRO A 441 -11.15 22.93 -1.06
C PRO A 441 -9.85 22.46 -0.41
N ASN A 442 -8.76 23.20 -0.60
CA ASN A 442 -7.45 22.81 -0.07
C ASN A 442 -6.93 21.47 -0.60
N TYR A 443 -7.12 21.25 -1.90
CA TYR A 443 -6.61 20.00 -2.51
C TYR A 443 -5.12 19.82 -2.24
N PHE A 444 -4.74 18.58 -1.92
CA PHE A 444 -3.36 18.18 -1.66
C PHE A 444 -2.79 18.76 -0.35
N MET A 445 -3.63 19.24 0.55
CA MET A 445 -3.11 19.91 1.73
C MET A 445 -2.25 18.98 2.60
N PHE A 446 -2.70 17.74 2.74
CA PHE A 446 -2.05 16.80 3.67
C PHE A 446 -1.30 15.70 2.96
N GLU A 447 -0.25 15.19 3.61
CA GLU A 447 0.64 14.19 2.98
C GLU A 447 -0.12 12.99 2.47
N TRP A 448 -1.03 12.46 3.29
CA TRP A 448 -1.80 11.28 2.90
C TRP A 448 -2.50 11.50 1.56
N ASP A 449 -3.05 12.70 1.37
CA ASP A 449 -3.92 12.95 0.24
C ASP A 449 -3.16 12.73 -1.06
N GLY A 450 -1.94 13.25 -1.12
CA GLY A 450 -1.06 13.09 -2.29
C GLY A 450 -0.38 11.73 -2.37
N LYS A 451 0.03 11.20 -1.21
CA LYS A 451 0.74 9.92 -1.14
C LYS A 451 -0.18 8.79 -1.56
N SER A 452 -1.43 8.83 -1.10
CA SER A 452 -2.40 7.85 -1.51
C SER A 452 -2.70 7.97 -3.00
N GLN A 453 -2.87 9.19 -3.50
CA GLN A 453 -3.10 9.38 -4.94
C GLN A 453 -1.95 8.78 -5.76
N ALA A 454 -0.73 9.04 -5.33
CA ALA A 454 0.45 8.50 -6.01
C ALA A 454 0.50 6.96 -5.91
N GLY A 455 0.15 6.41 -4.75
CA GLY A 455 0.05 4.97 -4.59
C GLY A 455 -0.96 4.33 -5.52
N ILE A 456 -2.10 5.00 -5.71
CA ILE A 456 -3.11 4.51 -6.61
C ILE A 456 -2.62 4.57 -8.06
N ALA A 457 -1.98 5.67 -8.45
CA ALA A 457 -1.43 5.79 -9.79
C ALA A 457 -0.39 4.69 -10.06
N LYS A 458 0.49 4.45 -9.09
CA LYS A 458 1.52 3.41 -9.21
C LYS A 458 0.90 2.02 -9.30
N TYR A 459 -0.18 1.80 -8.55
CA TYR A 459 -0.93 0.55 -8.59
C TYR A 459 -1.52 0.31 -9.96
N ILE A 460 -2.10 1.35 -10.56
CA ILE A 460 -2.64 1.25 -11.92
C ILE A 460 -1.53 0.96 -12.95
N ARG A 461 -0.39 1.63 -12.82
CA ARG A 461 0.75 1.33 -13.68
C ARG A 461 1.12 -0.16 -13.58
N LYS A 462 1.15 -0.69 -12.36
CA LYS A 462 1.43 -2.11 -12.12
C LYS A 462 0.36 -3.00 -12.77
N ILE A 463 -0.91 -2.68 -12.56
CA ILE A 463 -2.01 -3.46 -13.14
C ILE A 463 -1.89 -3.56 -14.67
N LEU A 464 -1.59 -2.44 -15.31
CA LEU A 464 -1.45 -2.39 -16.77
C LEU A 464 -0.36 -3.31 -17.32
N ARG A 465 0.61 -3.64 -16.48
CA ARG A 465 1.73 -4.50 -16.88
C ARG A 465 1.69 -5.87 -16.20
N SER A 466 0.54 -6.23 -15.61
CA SER A 466 0.38 -7.50 -14.91
C SER A 466 -0.47 -8.47 -15.74
N ALA A 467 -0.28 -9.77 -15.50
CA ALA A 467 -0.98 -10.82 -16.24
C ALA A 467 -2.41 -11.02 -15.70
N PRO A 468 -3.37 -11.34 -16.59
CA PRO A 468 -3.24 -11.50 -18.05
C PRO A 468 -3.44 -10.22 -18.84
N LEU A 469 -3.71 -9.10 -18.17
CA LEU A 469 -3.93 -7.83 -18.87
C LEU A 469 -2.76 -7.45 -19.79
N ASN A 470 -1.54 -7.77 -19.36
CA ASN A 470 -0.35 -7.42 -20.16
C ASN A 470 -0.25 -8.11 -21.53
N LYS A 471 -1.08 -9.13 -21.76
CA LYS A 471 -1.19 -9.73 -23.09
C LYS A 471 -1.98 -8.84 -24.05
N LEU A 472 -2.83 -7.99 -23.49
CA LEU A 472 -3.63 -7.07 -24.28
C LEU A 472 -3.00 -5.69 -24.41
N ILE A 473 -2.27 -5.27 -23.38
CA ILE A 473 -1.74 -3.91 -23.31
C ILE A 473 -0.26 -3.89 -23.69
N ALA A 474 0.02 -3.14 -24.75
CA ALA A 474 1.39 -2.99 -25.27
C ALA A 474 2.21 -2.03 -24.42
N LYS A 475 1.59 -0.94 -23.98
CA LYS A 475 2.29 0.09 -23.21
C LYS A 475 1.33 1.06 -22.52
N GLU A 476 1.84 1.67 -21.46
CA GLU A 476 1.18 2.80 -20.82
C GLU A 476 1.44 4.05 -21.67
N THR A 477 0.40 4.83 -21.94
CA THR A 477 0.55 6.06 -22.73
C THR A 477 0.41 7.34 -21.92
N LYS A 478 -0.25 7.26 -20.77
CA LYS A 478 -0.40 8.40 -19.87
C LYS A 478 -0.26 7.93 -18.42
N PRO A 479 0.73 8.47 -17.68
CA PRO A 479 1.75 9.42 -18.14
C PRO A 479 2.73 8.80 -19.15
N GLY A 480 2.90 7.49 -19.10
CA GLY A 480 3.90 6.81 -19.92
C GLY A 480 5.28 6.88 -19.28
N LEU A 481 6.18 6.01 -19.75
CA LEU A 481 7.51 5.87 -19.16
C LEU A 481 8.48 6.99 -19.53
N SER A 482 8.18 7.74 -20.59
CA SER A 482 8.99 8.92 -20.93
C SER A 482 8.76 10.04 -19.93
N GLU A 483 7.49 10.38 -19.71
CA GLU A 483 7.10 11.40 -18.75
C GLU A 483 7.44 11.03 -17.30
N ILE A 484 7.13 9.79 -16.92
CA ILE A 484 7.47 9.30 -15.59
C ILE A 484 8.19 7.96 -15.73
N PRO A 485 9.53 7.98 -15.72
CA PRO A 485 10.33 6.76 -15.85
C PRO A 485 10.02 5.74 -14.76
N ALA A 486 10.34 4.48 -15.03
CA ALA A 486 10.12 3.39 -14.08
C ALA A 486 10.74 3.68 -12.72
N THR A 487 11.90 4.35 -12.72
CA THR A 487 12.67 4.62 -11.52
C THR A 487 12.39 5.98 -10.87
N ALA A 488 11.35 6.66 -11.33
CA ALA A 488 11.00 7.98 -10.78
C ALA A 488 10.58 7.90 -9.32
N ALA A 489 11.03 8.87 -8.52
CA ALA A 489 10.64 8.96 -7.12
C ALA A 489 9.19 9.42 -6.99
N ASP A 490 8.61 9.24 -5.81
CA ASP A 490 7.22 9.65 -5.56
C ASP A 490 6.95 11.12 -5.86
N GLU A 491 7.94 11.97 -5.65
CA GLU A 491 7.77 13.40 -5.93
C GLU A 491 7.47 13.67 -7.39
N LYS A 492 8.04 12.87 -8.29
CA LYS A 492 7.72 12.99 -9.71
C LYS A 492 6.26 12.64 -9.98
N TRP A 493 5.76 11.60 -9.31
CA TRP A 493 4.35 11.23 -9.40
C TRP A 493 3.46 12.34 -8.84
N VAL A 494 3.79 12.84 -7.65
CA VAL A 494 2.98 13.88 -7.02
C VAL A 494 2.97 15.15 -7.86
N GLU A 495 4.13 15.53 -8.40
CA GLU A 495 4.22 16.70 -9.27
C GLU A 495 3.34 16.54 -10.52
N TRP A 496 3.39 15.36 -11.14
CA TRP A 496 2.55 15.07 -12.29
C TRP A 496 1.05 15.07 -11.93
N LEU A 497 0.71 14.47 -10.79
CA LEU A 497 -0.68 14.48 -10.33
C LEU A 497 -1.19 15.91 -10.09
N LYS A 498 -0.38 16.74 -9.44
CA LYS A 498 -0.74 18.14 -9.21
C LYS A 498 -0.92 18.93 -10.51
N ALA A 499 -0.10 18.63 -11.52
CA ALA A 499 -0.18 19.34 -12.79
C ALA A 499 -1.41 18.94 -13.61
N ASN A 500 -1.99 17.77 -13.31
CA ASN A 500 -3.02 17.18 -14.17
C ASN A 500 -4.36 16.88 -13.50
N TYR A 501 -4.48 17.14 -12.21
CA TYR A 501 -5.70 16.76 -11.51
C TYR A 501 -6.89 17.63 -11.88
N ARG A 502 -8.07 17.10 -11.59
CA ARG A 502 -9.31 17.85 -11.65
C ARG A 502 -10.00 17.66 -10.32
N SER A 503 -10.85 18.63 -9.94
CA SER A 503 -11.81 18.35 -8.88
C SER A 503 -12.67 17.15 -9.29
N ASN A 504 -12.98 16.29 -8.32
CA ASN A 504 -13.90 15.20 -8.58
C ASN A 504 -15.35 15.64 -8.45
N PHE A 505 -15.57 16.90 -8.08
CA PHE A 505 -16.91 17.48 -7.97
C PHE A 505 -17.79 16.69 -6.99
N HIS A 506 -17.20 16.30 -5.86
CA HIS A 506 -17.95 15.67 -4.78
C HIS A 506 -17.87 16.49 -3.48
N PRO A 507 -18.05 17.82 -3.53
CA PRO A 507 -17.94 18.59 -2.29
C PRO A 507 -19.05 18.27 -1.28
N VAL A 508 -18.66 18.07 -0.03
CA VAL A 508 -19.59 17.84 1.07
C VAL A 508 -19.19 18.68 2.28
N GLY A 509 -20.09 18.77 3.25
CA GLY A 509 -19.71 19.16 4.61
C GLY A 509 -19.87 20.61 5.00
N THR A 510 -20.29 21.45 4.05
CA THR A 510 -20.38 22.88 4.26
C THR A 510 -21.56 23.33 5.12
N ALA A 511 -22.47 22.41 5.42
CA ALA A 511 -23.49 22.61 6.46
C ALA A 511 -23.62 21.28 7.18
N ALA A 512 -22.52 20.82 7.77
CA ALA A 512 -22.38 19.43 8.19
C ALA A 512 -23.37 19.02 9.25
N MET A 513 -23.93 17.83 9.09
CA MET A 513 -24.73 17.23 10.13
C MET A 513 -23.82 16.63 11.20
N MET A 514 -23.71 17.34 12.32
CA MET A 514 -22.98 16.88 13.51
C MET A 514 -23.60 17.60 14.69
N PRO A 515 -23.43 17.06 15.92
CA PRO A 515 -23.83 17.84 17.08
C PRO A 515 -23.26 19.25 17.03
N ARG A 516 -24.05 20.24 17.45
CA ARG A 516 -23.58 21.61 17.47
C ARG A 516 -22.27 21.74 18.25
N SER A 517 -22.13 20.93 19.31
CA SER A 517 -20.97 21.03 20.20
C SER A 517 -19.65 20.52 19.61
N ILE A 518 -19.71 19.87 18.45
CA ILE A 518 -18.49 19.47 17.73
C ILE A 518 -18.32 20.30 16.44
N GLY A 519 -19.18 21.30 16.25
CA GLY A 519 -19.09 22.18 15.08
C GLY A 519 -20.12 21.92 13.99
N GLY A 520 -21.13 21.11 14.27
CA GLY A 520 -22.19 20.90 13.30
C GLY A 520 -23.00 22.14 12.96
N VAL A 521 -23.58 22.12 11.76
CA VAL A 521 -24.48 23.16 11.30
C VAL A 521 -25.94 22.72 11.35
N VAL A 522 -26.19 21.44 11.10
CA VAL A 522 -27.55 20.91 11.19
C VAL A 522 -27.63 19.75 12.15
N ASP A 523 -28.81 19.59 12.74
CA ASP A 523 -29.07 18.48 13.62
C ASP A 523 -29.42 17.21 12.83
N ASN A 524 -29.76 16.15 13.56
CA ASN A 524 -30.01 14.85 12.94
C ASN A 524 -31.33 14.79 12.16
N ARG A 525 -32.11 15.88 12.23
CA ARG A 525 -33.30 16.03 11.40
C ARG A 525 -33.08 17.06 10.28
N LEU A 526 -31.80 17.44 10.11
CA LEU A 526 -31.35 18.36 9.04
CA LEU A 526 -31.30 18.37 9.08
C LEU A 526 -31.76 19.81 9.29
N ARG A 527 -32.20 20.10 10.52
CA ARG A 527 -32.56 21.46 10.92
C ARG A 527 -31.31 22.28 11.27
N VAL A 528 -31.24 23.48 10.73
CA VAL A 528 -30.14 24.39 11.00
C VAL A 528 -30.21 24.85 12.45
N TYR A 529 -29.11 24.69 13.18
CA TYR A 529 -29.06 25.11 14.58
C TYR A 529 -29.43 26.58 14.71
N GLY A 530 -30.16 26.87 15.78
CA GLY A 530 -30.61 28.22 16.07
C GLY A 530 -31.86 28.64 15.34
N THR A 531 -32.39 27.77 14.49
CA THR A 531 -33.63 28.04 13.77
C THR A 531 -34.69 27.03 14.17
N SER A 532 -35.95 27.38 13.96
CA SER A 532 -37.03 26.44 14.23
C SER A 532 -37.38 25.60 13.00
N ASN A 533 -37.21 26.18 11.82
CA ASN A 533 -37.91 25.70 10.63
C ASN A 533 -37.11 25.89 9.34
N VAL A 534 -35.79 25.86 9.45
CA VAL A 534 -34.94 25.88 8.26
C VAL A 534 -34.16 24.58 8.25
N ARG A 535 -34.16 23.91 7.11
CA ARG A 535 -33.36 22.69 6.96
C ARG A 535 -32.45 22.84 5.75
N VAL A 536 -31.34 22.10 5.76
CA VAL A 536 -30.51 21.96 4.57
C VAL A 536 -30.59 20.49 4.18
N VAL A 537 -30.94 20.22 2.92
CA VAL A 537 -31.04 18.85 2.43
C VAL A 537 -30.36 18.77 1.07
N ASP A 538 -29.06 18.45 1.12
CA ASP A 538 -28.22 18.29 -0.06
C ASP A 538 -26.83 17.86 0.41
N ALA A 539 -25.84 17.85 -0.47
CA ALA A 539 -24.50 17.34 -0.11
C ALA A 539 -23.83 18.13 1.01
N SER A 540 -24.30 19.35 1.27
CA SER A 540 -23.72 20.16 2.35
C SER A 540 -23.74 19.44 3.69
N VAL A 541 -24.73 18.57 3.91
CA VAL A 541 -24.93 18.01 5.24
C VAL A 541 -24.08 16.77 5.51
N LEU A 542 -23.53 16.13 4.48
CA LEU A 542 -22.74 14.94 4.72
C LEU A 542 -21.52 15.34 5.57
N PRO A 543 -21.33 14.69 6.74
CA PRO A 543 -20.24 15.16 7.63
C PRO A 543 -18.86 14.70 7.21
N PHE A 544 -18.82 13.64 6.42
CA PHE A 544 -17.60 13.07 5.86
C PHE A 544 -17.91 12.72 4.42
N GLN A 545 -16.85 12.56 3.63
CA GLN A 545 -16.96 12.00 2.30
C GLN A 545 -17.41 10.54 2.36
N VAL A 546 -18.01 10.04 1.28
CA VAL A 546 -18.35 8.64 1.16
C VAL A 546 -17.51 7.99 0.05
N CYS A 547 -17.53 6.66 -0.03
CA CYS A 547 -16.68 5.97 -0.98
C CYS A 547 -17.23 6.01 -2.40
N GLY A 548 -18.54 6.04 -2.56
CA GLY A 548 -19.16 5.96 -3.88
C GLY A 548 -19.57 7.29 -4.48
N HIS A 549 -20.25 7.20 -5.61
CA HIS A 549 -20.73 8.38 -6.34
C HIS A 549 -21.92 8.99 -5.61
N LEU A 550 -21.97 10.31 -5.51
CA LEU A 550 -22.87 10.92 -4.53
C LEU A 550 -24.37 10.79 -4.74
N VAL A 551 -24.89 10.71 -5.97
CA VAL A 551 -26.35 10.84 -6.08
C VAL A 551 -27.12 9.76 -5.34
N SER A 552 -26.63 8.53 -5.36
CA SER A 552 -27.37 7.45 -4.70
C SER A 552 -27.65 7.81 -3.23
N THR A 553 -26.61 8.29 -2.55
CA THR A 553 -26.68 8.61 -1.14
C THR A 553 -27.49 9.89 -0.90
N LEU A 554 -27.34 10.87 -1.78
CA LEU A 554 -28.12 12.09 -1.66
C LEU A 554 -29.61 11.81 -1.84
N TYR A 555 -29.98 10.97 -2.80
CA TYR A 555 -31.39 10.58 -2.94
C TYR A 555 -31.88 9.91 -1.65
N ALA A 556 -31.10 8.98 -1.11
CA ALA A 556 -31.49 8.29 0.12
C ALA A 556 -31.63 9.24 1.31
N VAL A 557 -30.67 10.14 1.47
CA VAL A 557 -30.71 11.11 2.55
C VAL A 557 -31.96 12.00 2.43
N ALA A 558 -32.24 12.44 1.20
CA ALA A 558 -33.40 13.31 0.98
C ALA A 558 -34.71 12.56 1.20
N GLU A 559 -34.74 11.28 0.84
CA GLU A 559 -35.91 10.44 1.10
C GLU A 559 -36.16 10.33 2.59
N ARG A 560 -35.11 10.06 3.36
CA ARG A 560 -35.25 9.95 4.82
C ARG A 560 -35.63 11.31 5.42
N ALA A 561 -34.95 12.38 4.99
CA ALA A 561 -35.26 13.72 5.46
C ALA A 561 -36.73 14.06 5.26
N SER A 562 -37.28 13.66 4.12
CA SER A 562 -38.69 13.91 3.82
C SER A 562 -39.62 13.29 4.85
N ASP A 563 -39.31 12.07 5.29
CA ASP A 563 -40.09 11.42 6.34
C ASP A 563 -39.95 12.15 7.67
N LEU A 564 -38.75 12.65 7.98
CA LEU A 564 -38.54 13.40 9.22
C LEU A 564 -39.33 14.71 9.21
N ILE A 565 -39.37 15.37 8.05
CA ILE A 565 -40.11 16.61 7.91
C ILE A 565 -41.60 16.35 8.10
N LYS A 566 -42.12 15.30 7.47
CA LYS A 566 -43.53 14.94 7.63
C LYS A 566 -43.88 14.63 9.08
N GLU A 567 -42.99 13.91 9.78
CA GLU A 567 -43.22 13.57 11.17
C GLU A 567 -43.32 14.82 12.05
N ASP A 568 -42.45 15.79 11.79
CA ASP A 568 -42.42 17.04 12.54
C ASP A 568 -43.66 17.90 12.29
N ALA A 569 -44.24 17.78 11.10
CA ALA A 569 -45.48 18.48 10.75
C ALA A 569 -46.67 17.86 11.48
N ASN B 3 49.90 -1.00 -19.06
CA ASN B 3 48.58 -1.67 -18.89
C ASN B 3 47.65 -0.91 -17.94
N THR B 4 46.97 0.09 -18.48
CA THR B 4 46.24 1.07 -17.65
C THR B 4 44.95 0.56 -17.01
N THR B 5 44.46 -0.60 -17.42
CA THR B 5 43.26 -1.15 -16.78
C THR B 5 43.50 -2.54 -16.21
N THR B 6 44.75 -2.83 -15.90
CA THR B 6 45.11 -4.14 -15.36
C THR B 6 45.43 -4.06 -13.86
N TYR B 7 44.76 -4.92 -13.09
CA TYR B 7 44.88 -5.00 -11.63
C TYR B 7 45.19 -6.44 -11.27
N ASP B 8 45.67 -6.71 -10.06
CA ASP B 8 45.82 -8.10 -9.64
C ASP B 8 44.46 -8.78 -9.45
N TYR B 9 43.56 -8.11 -8.74
CA TYR B 9 42.23 -8.65 -8.47
C TYR B 9 41.18 -7.64 -8.86
N ILE B 10 40.07 -8.17 -9.39
CA ILE B 10 38.85 -7.39 -9.57
C ILE B 10 37.78 -8.01 -8.68
N VAL B 11 37.16 -7.17 -7.86
CA VAL B 11 36.05 -7.58 -7.02
C VAL B 11 34.80 -6.92 -7.58
N VAL B 12 33.87 -7.75 -8.04
CA VAL B 12 32.63 -7.27 -8.67
C VAL B 12 31.57 -7.15 -7.58
N GLY B 13 31.19 -5.93 -7.24
CA GLY B 13 30.17 -5.67 -6.24
C GLY B 13 30.78 -5.18 -4.94
N GLY B 14 30.63 -3.89 -4.66
CA GLY B 14 31.15 -3.31 -3.43
C GLY B 14 30.13 -3.40 -2.31
N GLY B 15 29.69 -4.62 -2.06
CA GLY B 15 28.65 -4.89 -1.08
C GLY B 15 29.17 -5.54 0.19
N THR B 16 28.27 -6.20 0.89
CA THR B 16 28.52 -6.73 2.22
C THR B 16 29.79 -7.60 2.19
N SER B 17 29.81 -8.55 1.26
CA SER B 17 30.89 -9.51 1.14
C SER B 17 32.07 -8.96 0.36
N GLY B 18 31.80 -8.29 -0.75
CA GLY B 18 32.84 -7.81 -1.63
C GLY B 18 33.81 -6.85 -0.95
N LEU B 19 33.27 -5.98 -0.11
CA LEU B 19 34.13 -5.02 0.60
C LEU B 19 35.08 -5.71 1.56
N VAL B 20 34.69 -6.83 2.15
CA VAL B 20 35.61 -7.58 3.00
C VAL B 20 36.79 -8.09 2.16
N VAL B 21 36.49 -8.72 1.04
CA VAL B 21 37.54 -9.28 0.20
C VAL B 21 38.50 -8.19 -0.29
N ALA B 22 37.95 -7.09 -0.76
CA ALA B 22 38.80 -5.99 -1.23
C ALA B 22 39.67 -5.43 -0.10
N ASN B 23 39.10 -5.30 1.09
CA ASN B 23 39.83 -4.84 2.25
C ASN B 23 41.00 -5.77 2.55
N ARG B 24 40.73 -7.07 2.60
CA ARG B 24 41.75 -8.01 3.01
C ARG B 24 42.83 -8.21 1.96
N LEU B 25 42.45 -8.31 0.69
CA LEU B 25 43.44 -8.50 -0.35
C LEU B 25 44.36 -7.30 -0.48
N SER B 26 43.81 -6.10 -0.27
CA SER B 26 44.62 -4.87 -0.38
C SER B 26 45.52 -4.60 0.83
N GLU B 27 45.47 -5.48 1.84
CA GLU B 27 46.46 -5.43 2.93
C GLU B 27 47.88 -5.64 2.43
N ASN B 28 48.04 -6.39 1.35
CA ASN B 28 49.33 -6.63 0.71
C ASN B 28 49.60 -5.44 -0.22
N PRO B 29 50.60 -4.61 0.11
CA PRO B 29 50.83 -3.39 -0.67
C PRO B 29 51.30 -3.65 -2.10
N ASP B 30 51.75 -4.88 -2.37
CA ASP B 30 52.27 -5.25 -3.68
C ASP B 30 51.17 -5.80 -4.62
N VAL B 31 49.93 -5.79 -4.13
CA VAL B 31 48.75 -6.32 -4.81
C VAL B 31 47.80 -5.16 -5.11
N SER B 32 47.36 -5.00 -6.36
CA SER B 32 46.33 -4.00 -6.67
C SER B 32 44.94 -4.64 -6.77
N VAL B 33 43.95 -3.93 -6.26
CA VAL B 33 42.56 -4.42 -6.19
C VAL B 33 41.65 -3.35 -6.73
N LEU B 34 40.80 -3.73 -7.68
CA LEU B 34 39.74 -2.87 -8.20
C LEU B 34 38.38 -3.36 -7.75
N LEU B 35 37.62 -2.48 -7.10
CA LEU B 35 36.22 -2.69 -6.78
C LEU B 35 35.33 -2.05 -7.83
N LEU B 36 34.34 -2.82 -8.29
CA LEU B 36 33.32 -2.33 -9.21
C LEU B 36 32.00 -2.29 -8.49
N GLU B 37 31.37 -1.12 -8.41
CA GLU B 37 30.08 -1.00 -7.73
C GLU B 37 29.09 -0.24 -8.60
N ALA B 38 27.93 -0.86 -8.82
CA ALA B 38 26.91 -0.28 -9.67
C ALA B 38 26.26 0.96 -9.06
N GLY B 39 26.16 1.00 -7.73
CA GLY B 39 25.65 2.17 -7.01
C GLY B 39 26.80 3.09 -6.61
N ALA B 40 26.55 3.90 -5.60
CA ALA B 40 27.51 4.90 -5.17
C ALA B 40 27.53 5.03 -3.64
N SER B 41 28.48 5.80 -3.14
CA SER B 41 28.57 6.09 -1.73
C SER B 41 27.24 6.55 -1.14
N VAL B 42 26.94 6.09 0.07
CA VAL B 42 25.79 6.58 0.83
C VAL B 42 26.25 7.07 2.21
N PHE B 43 27.53 7.43 2.32
CA PHE B 43 28.08 7.96 3.57
C PHE B 43 27.25 9.14 4.09
N ASN B 44 26.80 9.98 3.16
CA ASN B 44 26.07 11.22 3.45
C ASN B 44 24.56 11.09 3.22
N ASN B 45 24.03 9.86 3.23
CA ASN B 45 22.60 9.65 3.04
C ASN B 45 21.92 9.36 4.38
N PRO B 46 21.07 10.30 4.87
CA PRO B 46 20.43 10.10 6.18
C PRO B 46 19.56 8.84 6.27
N ASP B 47 18.97 8.39 5.16
CA ASP B 47 18.18 7.15 5.18
C ASP B 47 19.02 5.93 5.57
N VAL B 48 20.31 6.00 5.26
CA VAL B 48 21.26 4.91 5.56
C VAL B 48 21.87 5.12 6.94
N THR B 49 22.40 6.32 7.18
CA THR B 49 23.17 6.58 8.39
C THR B 49 22.35 6.39 9.67
N ASN B 50 21.07 6.77 9.61
CA ASN B 50 20.17 6.72 10.76
C ASN B 50 20.11 5.32 11.36
N ALA B 51 20.57 5.20 12.60
CA ALA B 51 20.56 3.92 13.33
C ALA B 51 19.15 3.37 13.52
N ASN B 52 18.15 4.25 13.39
CA ASN B 52 16.74 3.88 13.52
C ASN B 52 15.97 4.03 12.21
N GLY B 53 16.70 4.01 11.09
CA GLY B 53 16.13 4.26 9.77
C GLY B 53 15.71 3.05 8.94
N TYR B 54 15.74 1.85 9.51
CA TYR B 54 15.32 0.65 8.77
C TYR B 54 13.93 0.86 8.17
N GLY B 55 13.83 0.65 6.87
CA GLY B 55 12.58 0.87 6.14
C GLY B 55 12.58 2.13 5.28
N LEU B 56 13.30 3.15 5.69
CA LEU B 56 13.26 4.44 4.97
C LEU B 56 13.70 4.30 3.53
N ALA B 57 14.71 3.46 3.29
CA ALA B 57 15.28 3.32 1.97
C ALA B 57 14.48 2.41 1.04
N PHE B 58 13.47 1.71 1.55
CA PHE B 58 12.69 0.80 0.72
C PHE B 58 12.09 1.55 -0.46
N GLY B 59 12.27 1.04 -1.67
CA GLY B 59 11.67 1.64 -2.85
C GLY B 59 12.38 2.90 -3.35
N SER B 60 13.48 3.28 -2.71
CA SER B 60 14.23 4.47 -3.11
C SER B 60 15.26 4.13 -4.19
N ALA B 61 16.06 5.13 -4.56
CA ALA B 61 17.08 4.96 -5.59
C ALA B 61 18.18 3.95 -5.20
N ILE B 62 18.31 3.67 -3.91
CA ILE B 62 19.33 2.75 -3.42
C ILE B 62 18.76 1.35 -3.12
N ASP B 63 17.52 1.09 -3.57
CA ASP B 63 16.91 -0.24 -3.49
C ASP B 63 16.75 -0.75 -4.92
N TRP B 64 17.41 -1.86 -5.23
CA TRP B 64 17.31 -2.45 -6.56
C TRP B 64 15.88 -2.83 -6.91
N GLN B 65 15.07 -3.22 -5.92
CA GLN B 65 13.66 -3.57 -6.16
C GLN B 65 13.55 -4.61 -7.28
N TYR B 66 14.33 -5.68 -7.19
CA TYR B 66 14.15 -6.80 -8.10
C TYR B 66 12.74 -7.35 -7.95
N GLN B 67 12.23 -7.98 -9.00
CA GLN B 67 10.86 -8.49 -9.02
C GLN B 67 10.84 -9.96 -9.34
N SER B 68 10.13 -10.72 -8.53
CA SER B 68 9.92 -12.13 -8.81
C SER B 68 8.83 -12.32 -9.86
N ILE B 69 8.80 -13.51 -10.45
CA ILE B 69 7.64 -13.91 -11.23
C ILE B 69 6.46 -14.11 -10.29
N ASN B 70 5.27 -14.21 -10.86
CA ASN B 70 4.08 -14.52 -10.06
C ASN B 70 4.29 -15.84 -9.31
N GLN B 71 4.04 -15.81 -8.00
CA GLN B 71 4.38 -16.94 -7.14
C GLN B 71 3.18 -17.86 -7.03
N SER B 72 3.13 -18.85 -7.91
CA SER B 72 1.90 -19.62 -8.09
C SER B 72 1.52 -20.48 -6.88
N TYR B 73 2.50 -20.91 -6.09
CA TYR B 73 2.21 -21.71 -4.90
C TYR B 73 1.79 -20.86 -3.71
N ALA B 74 1.94 -19.54 -3.84
CA ALA B 74 1.81 -18.61 -2.72
C ALA B 74 0.67 -17.62 -2.91
N GLY B 75 -0.26 -17.95 -3.80
CA GLY B 75 -1.41 -17.09 -4.07
C GLY B 75 -1.30 -16.23 -5.32
N GLY B 76 -0.16 -16.27 -6.00
CA GLY B 76 -0.05 -15.70 -7.33
C GLY B 76 0.55 -14.32 -7.53
N LYS B 77 0.74 -13.55 -6.47
CA LYS B 77 1.34 -12.22 -6.61
C LYS B 77 2.82 -12.32 -6.97
N GLN B 78 3.33 -11.35 -7.71
CA GLN B 78 4.78 -11.10 -7.77
C GLN B 78 5.23 -10.55 -6.42
N GLN B 79 6.52 -10.73 -6.12
CA GLN B 79 7.12 -10.19 -4.90
C GLN B 79 8.33 -9.35 -5.23
N VAL B 80 8.44 -8.21 -4.57
CA VAL B 80 9.69 -7.45 -4.62
C VAL B 80 10.74 -8.19 -3.80
N LEU B 81 11.97 -8.19 -4.32
CA LEU B 81 13.11 -8.76 -3.64
C LEU B 81 14.12 -7.61 -3.52
N ARG B 82 14.15 -7.02 -2.33
CA ARG B 82 14.93 -5.82 -2.10
C ARG B 82 16.41 -6.15 -1.97
N ALA B 83 17.24 -5.17 -2.32
CA ALA B 83 18.69 -5.31 -2.29
C ALA B 83 19.28 -3.92 -2.37
N GLY B 84 20.41 -3.72 -1.72
CA GLY B 84 21.06 -2.40 -1.74
C GLY B 84 21.84 -2.13 -3.01
N LYS B 85 21.57 -0.96 -3.59
CA LYS B 85 22.30 -0.45 -4.74
C LYS B 85 23.08 0.75 -4.21
N ALA B 86 24.30 0.48 -3.74
CA ALA B 86 25.06 1.44 -2.92
C ALA B 86 26.38 0.82 -2.59
N LEU B 87 27.37 1.66 -2.35
CA LEU B 87 28.60 1.20 -1.73
C LEU B 87 28.27 0.73 -0.32
N GLY B 88 28.50 -0.56 -0.07
CA GLY B 88 28.02 -1.22 1.15
C GLY B 88 26.92 -2.24 0.84
N GLY B 89 26.33 -2.17 -0.34
CA GLY B 89 25.34 -3.15 -0.74
C GLY B 89 24.14 -3.18 0.19
N THR B 90 23.64 -4.38 0.45
CA THR B 90 22.39 -4.54 1.17
C THR B 90 22.53 -4.21 2.66
N SER B 91 23.78 -4.17 3.16
CA SER B 91 24.03 -3.74 4.53
C SER B 91 23.61 -2.29 4.78
N THR B 92 23.42 -1.51 3.71
CA THR B 92 23.02 -0.10 3.84
C THR B 92 21.51 0.09 4.02
N ILE B 93 20.72 -0.94 3.72
CA ILE B 93 19.25 -0.82 3.77
C ILE B 93 18.61 -1.86 4.68
N ASN B 94 19.43 -2.71 5.30
CA ASN B 94 18.90 -3.84 6.05
C ASN B 94 18.47 -3.45 7.47
N GLY B 95 18.01 -4.44 8.24
CA GLY B 95 17.47 -4.20 9.56
C GLY B 95 18.49 -4.10 10.67
N MET B 96 19.78 -4.24 10.33
CA MET B 96 20.90 -4.09 11.27
CA MET B 96 20.92 -4.12 11.25
C MET B 96 21.03 -5.19 12.35
N ALA B 97 20.16 -6.20 12.34
CA ALA B 97 20.28 -7.25 13.36
C ALA B 97 21.55 -8.08 13.17
N TYR B 98 22.26 -8.36 14.26
CA TYR B 98 23.47 -9.17 14.21
C TYR B 98 23.24 -10.49 14.95
N THR B 99 22.88 -11.54 14.21
CA THR B 99 22.78 -12.89 14.76
C THR B 99 23.38 -13.87 13.77
N ARG B 100 23.85 -15.01 14.26
CA ARG B 100 24.69 -15.91 13.46
C ARG B 100 23.96 -17.14 12.94
N ALA B 101 24.38 -18.33 13.38
CA ALA B 101 23.84 -19.58 12.86
C ALA B 101 24.00 -20.63 13.96
N GLU B 102 23.32 -21.76 13.79
CA GLU B 102 23.52 -22.88 14.69
C GLU B 102 24.80 -23.60 14.31
N ASP B 103 25.61 -23.93 15.32
CA ASP B 103 26.88 -24.63 15.08
C ASP B 103 26.73 -25.82 14.14
N VAL B 104 25.76 -26.69 14.45
CA VAL B 104 25.59 -27.93 13.69
C VAL B 104 25.18 -27.69 12.25
N GLN B 105 24.53 -26.55 12.00
CA GLN B 105 24.14 -26.29 10.60
C GLN B 105 25.32 -25.81 9.75
N ILE B 106 26.30 -25.15 10.35
CA ILE B 106 27.54 -24.89 9.63
C ILE B 106 28.37 -26.18 9.50
N ASP B 107 28.37 -27.02 10.54
CA ASP B 107 29.06 -28.31 10.47
C ASP B 107 28.58 -29.15 9.29
N VAL B 108 27.30 -29.02 8.94
CA VAL B 108 26.72 -29.71 7.78
C VAL B 108 27.48 -29.39 6.49
N TRP B 109 28.02 -28.17 6.38
CA TRP B 109 28.75 -27.82 5.16
C TRP B 109 29.89 -28.79 4.89
N GLN B 110 30.67 -29.13 5.93
CA GLN B 110 31.77 -30.09 5.75
C GLN B 110 31.27 -31.52 5.53
N LYS B 111 30.22 -31.90 6.26
CA LYS B 111 29.63 -33.23 6.09
C LYS B 111 29.17 -33.46 4.65
N LEU B 112 28.62 -32.41 4.04
CA LEU B 112 28.19 -32.40 2.64
C LEU B 112 29.34 -32.57 1.66
N GLY B 113 30.54 -32.20 2.10
CA GLY B 113 31.73 -32.37 1.30
C GLY B 113 32.58 -31.12 1.13
N ASN B 114 32.21 -30.03 1.80
CA ASN B 114 32.96 -28.77 1.73
C ASN B 114 34.04 -28.73 2.80
N GLU B 115 35.24 -29.18 2.44
CA GLU B 115 36.29 -29.35 3.44
C GLU B 115 36.70 -28.02 4.04
N GLY B 116 36.74 -27.99 5.38
CA GLY B 116 37.18 -26.82 6.13
C GLY B 116 36.09 -25.89 6.60
N TRP B 117 34.83 -26.23 6.31
CA TRP B 117 33.69 -25.39 6.68
C TRP B 117 32.88 -26.05 7.79
N THR B 118 33.16 -25.61 9.02
CA THR B 118 32.48 -26.10 10.22
C THR B 118 32.34 -24.90 11.14
N TRP B 119 31.52 -25.03 12.17
CA TRP B 119 31.42 -23.97 13.15
C TRP B 119 32.79 -23.62 13.74
N LYS B 120 33.53 -24.65 14.14
CA LYS B 120 34.84 -24.42 14.75
C LYS B 120 35.79 -23.70 13.81
N ASP B 121 35.72 -23.99 12.53
CA ASP B 121 36.56 -23.32 11.54
C ASP B 121 36.09 -21.90 11.21
N LEU B 122 34.79 -21.66 11.35
CA LEU B 122 34.23 -20.36 11.00
C LEU B 122 34.27 -19.36 12.16
N LEU B 123 34.16 -19.87 13.38
CA LEU B 123 34.16 -19.02 14.57
C LEU B 123 35.30 -17.98 14.63
N PRO B 124 36.56 -18.39 14.32
CA PRO B 124 37.63 -17.39 14.35
C PRO B 124 37.40 -16.22 13.40
N TYR B 125 36.68 -16.48 12.31
CA TYR B 125 36.38 -15.45 11.32
C TYR B 125 35.19 -14.57 11.69
N TYR B 126 34.19 -15.14 12.35
CA TYR B 126 33.18 -14.30 13.01
C TYR B 126 33.89 -13.36 13.99
N LEU B 127 34.78 -13.89 14.81
CA LEU B 127 35.53 -13.08 15.78
C LEU B 127 36.37 -12.01 15.09
N LYS B 128 37.08 -12.39 14.05
CA LYS B 128 37.93 -11.47 13.32
C LYS B 128 37.14 -10.28 12.74
N SER B 129 35.91 -10.53 12.30
CA SER B 129 35.11 -9.49 11.67
C SER B 129 34.59 -8.45 12.66
N GLU B 130 34.47 -8.83 13.92
CA GLU B 130 33.60 -8.13 14.87
C GLU B 130 34.34 -7.26 15.88
N ASN B 131 33.75 -6.12 16.18
CA ASN B 131 34.19 -5.31 17.31
C ASN B 131 32.95 -4.94 18.13
N LEU B 132 32.62 -5.78 19.11
CA LEU B 132 31.47 -5.54 19.96
C LEU B 132 31.78 -4.50 21.03
N THR B 133 30.91 -3.51 21.16
CA THR B 133 30.93 -2.59 22.30
C THR B 133 30.06 -3.20 23.40
N ALA B 134 30.69 -3.48 24.54
CA ALA B 134 29.99 -4.04 25.69
C ALA B 134 28.88 -3.09 26.15
N PRO B 135 27.75 -3.65 26.59
CA PRO B 135 26.67 -2.81 27.07
C PRO B 135 27.05 -2.06 28.35
N THR B 136 26.53 -0.84 28.46
CA THR B 136 26.62 -0.06 29.69
C THR B 136 25.64 -0.64 30.70
N SER B 137 25.73 -0.21 31.96
CA SER B 137 24.82 -0.75 32.97
C SER B 137 23.36 -0.43 32.64
N SER B 138 23.09 0.74 32.05
CA SER B 138 21.72 1.06 31.64
C SER B 138 21.22 0.10 30.55
N GLN B 139 22.11 -0.25 29.62
CA GLN B 139 21.77 -1.21 28.57
C GLN B 139 21.56 -2.61 29.14
N VAL B 140 22.41 -2.99 30.10
CA VAL B 140 22.26 -4.28 30.80
C VAL B 140 20.91 -4.33 31.53
N ALA B 141 20.51 -3.21 32.12
CA ALA B 141 19.21 -3.13 32.81
C ALA B 141 18.04 -3.32 31.84
N ALA B 142 18.27 -2.99 30.57
CA ALA B 142 17.28 -3.16 29.50
C ALA B 142 17.29 -4.58 28.93
N GLY B 143 18.27 -5.38 29.32
CA GLY B 143 18.38 -6.77 28.89
C GLY B 143 19.56 -7.12 28.01
N ALA B 144 20.39 -6.14 27.63
CA ALA B 144 21.54 -6.41 26.78
C ALA B 144 22.54 -7.33 27.49
N ALA B 145 23.08 -8.28 26.74
CA ALA B 145 23.99 -9.27 27.31
C ALA B 145 24.85 -9.88 26.21
N TYR B 146 25.95 -10.51 26.59
CA TYR B 146 26.79 -11.21 25.62
C TYR B 146 27.71 -12.18 26.34
N ASN B 147 28.19 -13.15 25.58
CA ASN B 147 29.20 -14.09 26.02
C ASN B 147 30.53 -13.60 25.49
N PRO B 148 31.43 -13.11 26.36
CA PRO B 148 32.70 -12.55 25.87
C PRO B 148 33.54 -13.52 25.03
N ALA B 149 33.39 -14.82 25.27
CA ALA B 149 34.18 -15.83 24.56
C ALA B 149 33.87 -15.91 23.07
N VAL B 150 32.71 -15.41 22.65
CA VAL B 150 32.29 -15.55 21.25
C VAL B 150 32.11 -14.22 20.52
N ASN B 151 32.61 -13.13 21.10
CA ASN B 151 32.54 -11.84 20.44
C ASN B 151 33.92 -11.22 20.29
N GLY B 152 34.23 -10.79 19.08
CA GLY B 152 35.48 -10.08 18.82
C GLY B 152 35.40 -8.65 19.34
N LYS B 153 36.57 -8.09 19.62
CA LYS B 153 36.70 -6.76 20.19
C LYS B 153 37.62 -5.87 19.35
N GLU B 154 38.03 -6.34 18.17
CA GLU B 154 39.05 -5.65 17.39
C GLU B 154 38.74 -5.53 15.89
N GLY B 155 37.70 -6.20 15.42
CA GLY B 155 37.44 -6.28 13.98
C GLY B 155 36.82 -5.04 13.39
N PRO B 156 36.68 -4.99 12.05
CA PRO B 156 36.18 -3.79 11.41
C PRO B 156 34.69 -3.52 11.66
N LEU B 157 33.89 -4.57 11.85
CA LEU B 157 32.46 -4.40 11.99
C LEU B 157 32.06 -4.10 13.42
N LYS B 158 31.73 -2.84 13.68
CA LYS B 158 31.23 -2.45 14.99
C LYS B 158 29.83 -3.02 15.23
N VAL B 159 29.62 -3.55 16.43
CA VAL B 159 28.37 -4.19 16.83
C VAL B 159 28.04 -3.71 18.25
N GLY B 160 26.76 -3.54 18.55
CA GLY B 160 26.35 -3.15 19.89
C GLY B 160 24.88 -2.87 19.97
N TRP B 161 24.49 -2.11 20.99
CA TRP B 161 23.11 -1.77 21.24
C TRP B 161 22.93 -0.26 21.26
N SER B 162 21.74 0.20 20.89
CA SER B 162 21.39 1.61 20.98
C SER B 162 21.69 2.16 22.37
N GLY B 163 22.33 3.34 22.43
CA GLY B 163 22.69 3.96 23.71
C GLY B 163 21.50 4.24 24.62
N SER B 164 20.34 4.46 24.00
CA SER B 164 19.12 4.76 24.74
C SER B 164 18.24 3.54 25.08
N LEU B 165 18.79 2.34 24.89
CA LEU B 165 18.09 1.11 25.24
C LEU B 165 17.62 1.19 26.70
N ALA B 166 16.35 0.88 26.94
CA ALA B 166 15.78 0.95 28.29
C ALA B 166 14.84 -0.21 28.55
N SER B 167 14.77 -0.64 29.82
CA SER B 167 13.78 -1.63 30.24
C SER B 167 12.40 -1.02 30.05
N GLY B 168 11.43 -1.86 29.74
CA GLY B 168 10.04 -1.41 29.64
C GLY B 168 9.12 -2.59 29.90
N ASN B 169 7.84 -2.28 30.05
CA ASN B 169 6.86 -3.29 30.42
C ASN B 169 6.73 -4.43 29.42
N LEU B 170 6.83 -4.11 28.13
CA LEU B 170 6.66 -5.09 27.05
C LEU B 170 7.78 -6.14 27.00
N SER B 171 9.04 -5.69 27.01
CA SER B 171 10.16 -6.63 26.95
C SER B 171 10.23 -7.50 28.20
N VAL B 172 9.92 -6.93 29.37
CA VAL B 172 9.81 -7.74 30.58
C VAL B 172 8.72 -8.81 30.45
N ALA B 173 7.54 -8.39 30.01
CA ALA B 173 6.42 -9.32 29.87
C ALA B 173 6.71 -10.42 28.86
N LEU B 174 7.38 -10.07 27.75
CA LEU B 174 7.77 -11.05 26.75
C LEU B 174 8.74 -12.08 27.30
N ASN B 175 9.74 -11.62 28.05
CA ASN B 175 10.67 -12.53 28.68
C ASN B 175 9.91 -13.56 29.53
N ARG B 176 9.04 -13.04 30.40
CA ARG B 176 8.31 -13.90 31.34
C ARG B 176 7.35 -14.84 30.63
N THR B 177 6.73 -14.37 29.56
CA THR B 177 5.73 -15.18 28.85
C THR B 177 6.43 -16.29 28.04
N PHE B 178 7.54 -15.98 27.36
CA PHE B 178 8.31 -17.02 26.69
C PHE B 178 8.88 -18.03 27.68
N GLN B 179 9.34 -17.56 28.83
CA GLN B 179 9.82 -18.43 29.90
C GLN B 179 8.73 -19.45 30.31
N ALA B 180 7.51 -18.94 30.47
CA ALA B 180 6.35 -19.77 30.82
C ALA B 180 6.06 -20.81 29.74
N ALA B 181 6.41 -20.49 28.49
CA ALA B 181 6.24 -21.41 27.37
C ALA B 181 7.44 -22.34 27.21
N GLY B 182 8.38 -22.24 28.13
CA GLY B 182 9.55 -23.11 28.19
C GLY B 182 10.78 -22.64 27.43
N VAL B 183 10.75 -21.40 26.93
CA VAL B 183 11.87 -20.83 26.16
C VAL B 183 12.59 -19.80 27.02
N PRO B 184 13.83 -20.12 27.44
CA PRO B 184 14.54 -19.27 28.40
C PRO B 184 15.26 -18.08 27.77
N TRP B 185 15.47 -17.05 28.58
CA TRP B 185 16.42 -16.00 28.23
C TRP B 185 17.81 -16.62 28.12
N VAL B 186 18.54 -16.26 27.07
CA VAL B 186 19.93 -16.63 26.92
C VAL B 186 20.76 -15.36 26.74
N GLU B 187 21.99 -15.37 27.25
CA GLU B 187 22.84 -14.17 27.19
C GLU B 187 23.31 -13.82 25.77
N ASP B 188 23.39 -14.81 24.89
CA ASP B 188 24.01 -14.59 23.59
C ASP B 188 23.51 -15.67 22.63
N VAL B 189 22.95 -15.27 21.49
CA VAL B 189 22.52 -16.24 20.48
C VAL B 189 23.63 -16.53 19.47
N ASN B 190 24.81 -15.92 19.66
CA ASN B 190 25.87 -15.95 18.64
C ASN B 190 27.03 -16.90 18.94
N GLY B 191 26.82 -17.80 19.92
CA GLY B 191 27.83 -18.77 20.29
C GLY B 191 27.60 -20.16 19.69
N GLY B 192 26.73 -20.26 18.70
CA GLY B 192 26.48 -21.54 18.02
C GLY B 192 25.21 -22.23 18.46
N LYS B 193 24.63 -21.79 19.57
CA LYS B 193 23.36 -22.34 20.05
C LYS B 193 22.37 -21.18 20.15
N MET B 194 21.43 -21.15 19.23
CA MET B 194 20.59 -19.97 19.07
C MET B 194 19.29 -20.00 19.86
N ARG B 195 18.87 -21.19 20.28
CA ARG B 195 17.56 -21.31 20.93
C ARG B 195 17.45 -20.44 22.18
N GLY B 196 16.38 -19.67 22.25
CA GLY B 196 16.13 -18.84 23.42
C GLY B 196 15.51 -17.51 23.08
N PHE B 197 15.37 -16.70 24.13
CA PHE B 197 14.85 -15.34 24.08
C PHE B 197 16.03 -14.41 24.35
N ASN B 198 16.16 -13.32 23.59
CA ASN B 198 17.37 -12.50 23.64
C ASN B 198 17.13 -11.07 23.18
N ILE B 199 17.82 -10.13 23.82
CA ILE B 199 17.87 -8.74 23.36
C ILE B 199 19.08 -8.63 22.44
N TYR B 200 18.81 -8.83 21.15
CA TYR B 200 19.85 -9.01 20.16
C TYR B 200 20.61 -7.71 19.89
N PRO B 201 21.91 -7.83 19.58
CA PRO B 201 22.71 -6.68 19.18
C PRO B 201 22.51 -6.36 17.69
N SER B 202 23.05 -5.22 17.28
CA SER B 202 22.94 -4.72 15.92
C SER B 202 24.28 -4.28 15.35
N THR B 203 24.34 -4.17 14.03
CA THR B 203 25.49 -3.61 13.34
C THR B 203 25.37 -2.08 13.43
N LEU B 204 25.92 -1.56 14.52
CA LEU B 204 25.76 -0.19 14.93
C LEU B 204 27.10 0.26 15.49
N ASP B 205 27.55 1.45 15.08
CA ASP B 205 28.69 2.09 15.74
C ASP B 205 28.09 2.88 16.90
N VAL B 206 28.25 2.37 18.12
CA VAL B 206 27.57 2.95 19.30
C VAL B 206 28.15 4.31 19.66
N ASP B 207 29.46 4.48 19.48
CA ASP B 207 30.14 5.76 19.75
C ASP B 207 29.58 6.87 18.84
N LEU B 208 29.42 6.57 17.56
CA LEU B 208 28.88 7.55 16.62
C LEU B 208 27.35 7.55 16.56
N ASN B 209 26.73 6.48 17.05
CA ASN B 209 25.28 6.24 16.90
C ASN B 209 24.81 6.28 15.44
N VAL B 210 25.47 5.49 14.59
CA VAL B 210 25.11 5.38 13.19
C VAL B 210 25.05 3.91 12.80
N ARG B 211 24.27 3.61 11.76
CA ARG B 211 24.30 2.29 11.14
C ARG B 211 25.73 1.95 10.72
N GLU B 212 26.17 0.75 11.11
CA GLU B 212 27.48 0.24 10.72
C GLU B 212 27.31 -0.66 9.50
N ASP B 213 27.23 -0.04 8.33
CA ASP B 213 27.17 -0.79 7.07
C ASP B 213 28.59 -1.29 6.69
N ALA B 214 28.65 -2.12 5.67
CA ALA B 214 29.90 -2.73 5.23
C ALA B 214 30.92 -1.71 4.74
N ALA B 215 30.45 -0.61 4.17
CA ALA B 215 31.37 0.43 3.70
C ALA B 215 31.99 1.20 4.86
N ARG B 216 31.17 1.59 5.84
CA ARG B 216 31.71 2.21 7.05
C ARG B 216 32.66 1.29 7.78
N ALA B 217 32.39 -0.01 7.77
CA ALA B 217 33.24 -0.98 8.43
C ALA B 217 34.53 -1.28 7.66
N TYR B 218 34.40 -1.67 6.39
CA TYR B 218 35.50 -2.28 5.66
C TYR B 218 36.10 -1.42 4.57
N TYR B 219 35.49 -0.29 4.24
CA TYR B 219 35.96 0.52 3.12
C TYR B 219 36.46 1.90 3.53
N PHE B 220 35.57 2.73 4.07
CA PHE B 220 35.95 4.12 4.35
C PHE B 220 37.16 4.31 5.25
N PRO B 221 37.35 3.47 6.30
CA PRO B 221 38.57 3.64 7.11
C PRO B 221 39.87 3.21 6.42
N TYR B 222 39.79 2.76 5.17
CA TYR B 222 40.92 2.14 4.49
C TYR B 222 41.20 2.73 3.12
N ASP B 223 40.41 3.72 2.71
CA ASP B 223 40.49 4.14 1.31
C ASP B 223 41.66 5.08 1.00
N ASP B 224 42.53 5.33 1.99
CA ASP B 224 43.83 5.96 1.70
C ASP B 224 44.78 5.01 0.96
N ARG B 225 44.48 3.72 0.97
CA ARG B 225 45.34 2.73 0.31
C ARG B 225 45.48 3.00 -1.18
N LYS B 226 46.71 3.19 -1.63
CA LYS B 226 46.98 3.53 -3.02
C LYS B 226 46.81 2.34 -3.96
N ASN B 227 46.79 1.14 -3.40
CA ASN B 227 46.61 -0.09 -4.18
C ASN B 227 45.16 -0.56 -4.25
N LEU B 228 44.26 0.18 -3.60
CA LEU B 228 42.83 -0.12 -3.62
C LEU B 228 42.13 0.94 -4.46
N HIS B 229 41.34 0.50 -5.44
CA HIS B 229 40.67 1.40 -6.36
C HIS B 229 39.20 1.08 -6.40
N LEU B 230 38.38 2.11 -6.54
CA LEU B 230 36.94 1.93 -6.61
C LEU B 230 36.35 2.66 -7.80
N LEU B 231 35.55 1.95 -8.59
CA LEU B 231 34.72 2.59 -9.61
C LEU B 231 33.27 2.47 -9.19
N GLU B 232 32.68 3.61 -8.84
CA GLU B 232 31.25 3.68 -8.50
C GLU B 232 30.43 3.92 -9.75
N ASN B 233 29.11 3.75 -9.66
CA ASN B 233 28.22 3.93 -10.80
C ASN B 233 28.71 3.14 -12.02
N THR B 234 29.21 1.94 -11.76
CA THR B 234 29.85 1.12 -12.79
C THR B 234 29.30 -0.28 -12.71
N THR B 235 28.67 -0.74 -13.78
CA THR B 235 28.06 -2.07 -13.81
C THR B 235 28.96 -3.08 -14.52
N ALA B 236 29.24 -4.18 -13.85
CA ALA B 236 29.90 -5.31 -14.49
C ALA B 236 28.87 -6.11 -15.27
N ASN B 237 29.11 -6.30 -16.56
CA ASN B 237 28.18 -7.07 -17.38
C ASN B 237 28.45 -8.57 -17.36
N ARG B 238 29.73 -8.91 -17.43
CA ARG B 238 30.18 -10.28 -17.68
C ARG B 238 31.70 -10.29 -17.62
N LEU B 239 32.25 -11.49 -17.49
CA LEU B 239 33.67 -11.74 -17.60
C LEU B 239 34.01 -12.08 -19.03
N PHE B 240 35.27 -11.84 -19.41
CA PHE B 240 35.81 -12.37 -20.64
C PHE B 240 37.04 -13.21 -20.30
N TRP B 241 37.41 -14.10 -21.22
CA TRP B 241 38.31 -15.20 -20.93
C TRP B 241 39.59 -15.11 -21.75
N LYS B 242 40.67 -15.62 -21.19
CA LYS B 242 41.89 -15.82 -21.96
C LYS B 242 41.62 -16.85 -23.03
N ASN B 243 42.17 -16.61 -24.21
CA ASN B 243 42.02 -17.55 -25.31
C ASN B 243 43.25 -18.40 -25.42
N GLY B 244 43.08 -19.69 -25.15
CA GLY B 244 44.14 -20.67 -25.23
C GLY B 244 43.61 -21.94 -25.86
N SER B 245 44.28 -23.05 -25.57
CA SER B 245 43.91 -24.34 -26.14
C SER B 245 43.40 -25.34 -25.09
N ALA B 246 43.38 -24.92 -23.82
CA ALA B 246 43.01 -25.81 -22.72
C ALA B 246 41.55 -25.67 -22.31
N GLU B 247 40.99 -26.72 -21.75
CA GLU B 247 39.59 -26.72 -21.32
C GLU B 247 39.29 -25.75 -20.17
N GLU B 248 40.14 -25.77 -19.14
CA GLU B 248 39.90 -24.94 -17.96
C GLU B 248 39.88 -23.47 -18.35
N ALA B 249 38.86 -22.76 -17.88
CA ALA B 249 38.66 -21.36 -18.24
C ALA B 249 39.45 -20.45 -17.31
N ILE B 250 40.21 -19.54 -17.90
CA ILE B 250 40.99 -18.55 -17.17
C ILE B 250 40.35 -17.20 -17.46
N ALA B 251 39.75 -16.58 -16.45
CA ALA B 251 39.20 -15.24 -16.61
C ALA B 251 40.33 -14.26 -16.89
N ASP B 252 40.11 -13.40 -17.88
CA ASP B 252 41.04 -12.35 -18.25
C ASP B 252 40.62 -11.03 -17.60
N GLY B 253 39.32 -10.77 -17.53
CA GLY B 253 38.83 -9.52 -16.98
C GLY B 253 37.33 -9.43 -16.95
N VAL B 254 36.84 -8.22 -16.74
CA VAL B 254 35.43 -7.93 -16.60
C VAL B 254 35.09 -6.80 -17.55
N GLU B 255 33.99 -6.97 -18.29
CA GLU B 255 33.44 -5.91 -19.12
C GLU B 255 32.50 -5.04 -18.28
N ILE B 256 32.70 -3.73 -18.35
CA ILE B 256 31.95 -2.78 -17.57
C ILE B 256 31.25 -1.73 -18.42
N THR B 257 30.10 -1.28 -17.93
CA THR B 257 29.41 -0.14 -18.52
C THR B 257 29.35 0.96 -17.47
N SER B 258 29.88 2.13 -17.86
CA SER B 258 29.97 3.27 -16.97
C SER B 258 28.72 4.14 -17.08
N ALA B 259 28.61 5.13 -16.19
CA ALA B 259 27.42 5.98 -16.12
C ALA B 259 27.16 6.73 -17.43
N ASP B 260 28.22 7.05 -18.16
CA ASP B 260 28.10 7.73 -19.45
C ASP B 260 27.76 6.80 -20.62
N GLY B 261 27.53 5.53 -20.31
CA GLY B 261 27.18 4.55 -21.32
C GLY B 261 28.33 3.87 -22.01
N LYS B 262 29.56 4.28 -21.72
CA LYS B 262 30.73 3.67 -22.36
C LYS B 262 30.95 2.26 -21.85
N VAL B 263 31.21 1.34 -22.76
CA VAL B 263 31.46 -0.07 -22.44
C VAL B 263 32.93 -0.34 -22.67
N THR B 264 33.61 -0.75 -21.61
CA THR B 264 35.05 -0.91 -21.64
C THR B 264 35.42 -2.15 -20.84
N ARG B 265 36.72 -2.37 -20.69
CA ARG B 265 37.22 -3.55 -20.00
C ARG B 265 38.21 -3.19 -18.92
N VAL B 266 38.23 -4.01 -17.88
CA VAL B 266 39.30 -4.01 -16.88
C VAL B 266 39.81 -5.45 -16.80
N HIS B 267 41.08 -5.61 -16.44
CA HIS B 267 41.77 -6.89 -16.50
C HIS B 267 42.31 -7.29 -15.14
N ALA B 268 42.29 -8.59 -14.88
CA ALA B 268 42.81 -9.13 -13.63
C ALA B 268 43.99 -10.04 -13.90
N LYS B 269 45.12 -9.78 -13.26
CA LYS B 269 46.29 -10.63 -13.42
C LYS B 269 46.15 -11.95 -12.65
N LYS B 270 45.45 -11.89 -11.52
CA LYS B 270 45.32 -13.06 -10.66
C LYS B 270 43.92 -13.67 -10.72
N GLU B 271 42.94 -13.02 -10.09
CA GLU B 271 41.58 -13.58 -10.00
C GLU B 271 40.52 -12.53 -10.09
N VAL B 272 39.34 -12.97 -10.53
CA VAL B 272 38.10 -12.19 -10.46
C VAL B 272 37.21 -12.77 -9.38
N ILE B 273 36.79 -11.92 -8.47
CA ILE B 273 35.92 -12.30 -7.36
C ILE B 273 34.57 -11.67 -7.61
N ILE B 274 33.54 -12.51 -7.73
CA ILE B 274 32.19 -12.03 -7.98
C ILE B 274 31.41 -11.99 -6.68
N SER B 275 30.97 -10.78 -6.31
CA SER B 275 30.31 -10.50 -5.04
C SER B 275 29.09 -9.60 -5.27
N ALA B 276 28.36 -9.88 -6.35
CA ALA B 276 27.25 -9.01 -6.76
C ALA B 276 25.92 -9.34 -6.09
N GLY B 277 25.93 -10.30 -5.17
CA GLY B 277 24.71 -10.72 -4.49
C GLY B 277 24.11 -11.97 -5.11
N ALA B 278 23.30 -12.68 -4.32
CA ALA B 278 22.69 -13.93 -4.77
C ALA B 278 21.78 -13.76 -5.99
N LEU B 279 21.28 -12.55 -6.21
CA LEU B 279 20.38 -12.29 -7.33
C LEU B 279 21.08 -11.65 -8.54
N ARG B 280 22.41 -11.54 -8.47
CA ARG B 280 23.19 -11.01 -9.60
C ARG B 280 24.40 -11.83 -9.98
N SER B 281 25.16 -12.33 -9.00
CA SER B 281 26.34 -13.16 -9.31
C SER B 281 26.06 -14.29 -10.31
N PRO B 282 24.99 -15.09 -10.11
CA PRO B 282 24.76 -16.15 -11.10
C PRO B 282 24.46 -15.64 -12.51
N LEU B 283 23.85 -14.46 -12.61
CA LEU B 283 23.55 -13.87 -13.91
C LEU B 283 24.82 -13.42 -14.60
N ILE B 284 25.76 -12.84 -13.85
CA ILE B 284 27.06 -12.49 -14.39
C ILE B 284 27.75 -13.74 -14.94
N LEU B 285 27.70 -14.84 -14.20
CA LEU B 285 28.25 -16.10 -14.69
C LEU B 285 27.59 -16.54 -16.00
N GLU B 286 26.26 -16.52 -16.05
CA GLU B 286 25.53 -16.91 -17.26
C GLU B 286 25.93 -16.05 -18.46
N LEU B 287 25.98 -14.74 -18.28
CA LEU B 287 26.39 -13.86 -19.38
C LEU B 287 27.85 -14.06 -19.81
N SER B 288 28.64 -14.63 -18.91
CA SER B 288 30.03 -14.98 -19.20
C SER B 288 30.17 -16.37 -19.83
N GLY B 289 29.07 -17.06 -20.06
CA GLY B 289 29.13 -18.39 -20.63
C GLY B 289 29.36 -19.49 -19.61
N VAL B 290 29.05 -19.25 -18.34
CA VAL B 290 29.16 -20.28 -17.30
C VAL B 290 27.76 -20.55 -16.78
N GLY B 291 27.22 -21.71 -17.13
CA GLY B 291 25.85 -22.03 -16.75
C GLY B 291 25.28 -23.18 -17.53
N ASN B 292 23.96 -23.25 -17.55
CA ASN B 292 23.25 -24.31 -18.26
C ASN B 292 23.28 -24.03 -19.76
N PRO B 293 23.95 -24.91 -20.54
CA PRO B 293 24.01 -24.70 -22.00
C PRO B 293 22.65 -24.47 -22.68
N THR B 294 21.57 -25.08 -22.18
CA THR B 294 20.24 -24.85 -22.76
C THR B 294 19.84 -23.38 -22.70
N ILE B 295 20.07 -22.77 -21.54
CA ILE B 295 19.70 -21.39 -21.30
C ILE B 295 20.64 -20.46 -22.05
N LEU B 296 21.92 -20.78 -22.03
CA LEU B 296 22.91 -19.97 -22.74
C LEU B 296 22.63 -19.98 -24.24
N LYS B 297 22.41 -21.17 -24.80
CA LYS B 297 22.12 -21.30 -26.23
C LYS B 297 20.87 -20.53 -26.67
N LYS B 298 19.84 -20.56 -25.84
CA LYS B 298 18.60 -19.83 -26.13
C LYS B 298 18.88 -18.34 -26.29
N ASN B 299 19.92 -17.88 -25.60
CA ASN B 299 20.29 -16.47 -25.60
C ASN B 299 21.54 -16.18 -26.44
N ASN B 300 21.88 -17.13 -27.32
CA ASN B 300 22.99 -16.96 -28.25
C ASN B 300 24.33 -16.76 -27.55
N ILE B 301 24.51 -17.39 -26.38
CA ILE B 301 25.77 -17.35 -25.63
C ILE B 301 26.42 -18.73 -25.74
N THR B 302 27.69 -18.76 -26.17
CA THR B 302 28.42 -20.02 -26.23
C THR B 302 28.90 -20.39 -24.83
N PRO B 303 28.64 -21.63 -24.38
CA PRO B 303 29.15 -22.00 -23.07
C PRO B 303 30.68 -22.06 -23.05
N ARG B 304 31.25 -21.40 -22.06
CA ARG B 304 32.65 -21.57 -21.72
C ARG B 304 32.80 -22.71 -20.73
N VAL B 305 31.83 -22.83 -19.82
CA VAL B 305 31.77 -23.92 -18.85
C VAL B 305 30.32 -24.40 -18.74
N ASP B 306 30.15 -25.71 -18.91
CA ASP B 306 28.85 -26.38 -18.77
C ASP B 306 28.65 -26.64 -17.28
N LEU B 307 27.84 -25.80 -16.64
CA LEU B 307 27.66 -25.82 -15.20
C LEU B 307 26.19 -25.48 -14.94
N PRO B 308 25.31 -26.48 -15.15
CA PRO B 308 23.88 -26.15 -15.30
C PRO B 308 23.13 -25.82 -14.03
N THR B 309 23.79 -25.91 -12.87
CA THR B 309 23.17 -25.48 -11.62
C THR B 309 23.47 -24.02 -11.23
N VAL B 310 24.18 -23.28 -12.08
CA VAL B 310 24.26 -21.83 -11.89
C VAL B 310 22.83 -21.29 -11.92
N GLY B 311 22.43 -20.56 -10.87
CA GLY B 311 21.09 -20.01 -10.76
C GLY B 311 20.07 -20.95 -10.17
N GLU B 312 20.41 -22.24 -10.05
CA GLU B 312 19.51 -23.19 -9.40
C GLU B 312 19.77 -23.20 -7.90
N ASN B 313 18.94 -23.94 -7.17
CA ASN B 313 19.08 -24.08 -5.72
C ASN B 313 18.87 -22.79 -4.94
N LEU B 314 18.12 -21.85 -5.51
CA LEU B 314 17.73 -20.63 -4.82
CA LEU B 314 17.73 -20.63 -4.82
C LEU B 314 16.83 -20.99 -3.65
N GLN B 315 17.22 -20.57 -2.46
CA GLN B 315 16.49 -20.81 -1.22
C GLN B 315 16.28 -19.47 -0.55
N ASP B 316 15.03 -19.15 -0.22
CA ASP B 316 14.73 -17.92 0.51
C ASP B 316 13.68 -18.22 1.57
N GLN B 317 13.49 -17.29 2.50
CA GLN B 317 12.46 -17.38 3.52
C GLN B 317 11.41 -16.33 3.22
N PHE B 318 10.22 -16.53 3.81
CA PHE B 318 9.17 -15.52 3.74
C PHE B 318 8.73 -15.16 5.13
N ASN B 319 8.43 -13.89 5.33
CA ASN B 319 7.99 -13.45 6.63
C ASN B 319 6.56 -12.92 6.62
N ASN B 320 5.98 -12.91 7.81
CA ASN B 320 4.65 -12.37 8.04
C ASN B 320 4.71 -11.52 9.29
N GLY B 321 3.66 -10.72 9.48
CA GLY B 321 3.56 -9.83 10.61
C GLY B 321 2.26 -10.02 11.36
N MET B 322 2.33 -9.93 12.68
CA MET B 322 1.16 -9.88 13.53
C MET B 322 1.28 -8.64 14.42
N ALA B 323 0.19 -8.31 15.11
CA ALA B 323 0.17 -7.10 15.93
C ALA B 323 -0.87 -7.20 17.01
N GLY B 324 -0.62 -6.48 18.09
CA GLY B 324 -1.57 -6.33 19.18
C GLY B 324 -1.68 -4.89 19.65
N GLU B 325 -2.67 -4.65 20.49
CA GLU B 325 -2.91 -3.34 21.07
C GLU B 325 -2.92 -3.48 22.58
N GLY B 326 -2.17 -2.61 23.26
CA GLY B 326 -2.13 -2.61 24.72
C GLY B 326 -3.28 -1.83 25.31
N TYR B 327 -3.58 -2.13 26.58
CA TYR B 327 -4.50 -1.29 27.36
C TYR B 327 -3.92 0.11 27.50
N GLY B 328 -2.61 0.19 27.63
CA GLY B 328 -1.88 1.46 27.71
C GLY B 328 -0.56 1.39 26.94
N VAL B 329 0.33 2.33 27.23
CA VAL B 329 1.60 2.47 26.52
C VAL B 329 2.49 1.25 26.73
N LEU B 330 3.05 0.76 25.63
CA LEU B 330 3.98 -0.36 25.68
C LEU B 330 5.38 0.12 25.34
N ALA B 331 6.36 -0.35 26.10
CA ALA B 331 7.73 0.11 25.94
C ALA B 331 8.72 -1.00 26.24
N GLY B 332 9.93 -0.82 25.72
CA GLY B 332 11.03 -1.72 26.00
C GLY B 332 11.87 -2.00 24.78
N ALA B 333 12.86 -2.86 24.95
CA ALA B 333 13.74 -3.22 23.83
C ALA B 333 13.05 -4.18 22.87
N SER B 334 13.52 -4.17 21.63
CA SER B 334 13.14 -5.20 20.67
C SER B 334 13.74 -6.54 21.08
N THR B 335 12.95 -7.59 20.91
CA THR B 335 13.33 -8.93 21.35
C THR B 335 13.33 -9.89 20.17
N VAL B 336 14.17 -10.91 20.26
CA VAL B 336 14.11 -12.04 19.35
C VAL B 336 13.91 -13.34 20.13
N THR B 337 13.11 -14.24 19.58
CA THR B 337 12.98 -15.59 20.09
C THR B 337 13.25 -16.57 18.96
N TYR B 338 14.07 -17.57 19.26
CA TYR B 338 14.42 -18.64 18.34
C TYR B 338 13.91 -19.96 18.94
N PRO B 339 12.65 -20.34 18.64
CA PRO B 339 12.08 -21.57 19.20
C PRO B 339 12.37 -22.78 18.30
N SER B 340 12.53 -23.95 18.92
CA SER B 340 12.67 -25.22 18.20
C SER B 340 11.31 -25.74 17.73
N ILE B 341 11.32 -26.83 16.98
CA ILE B 341 10.08 -27.44 16.52
C ILE B 341 9.16 -27.83 17.70
N SER B 342 9.74 -28.35 18.78
CA SER B 342 8.92 -28.75 19.92
C SER B 342 8.42 -27.55 20.73
N ASP B 343 9.19 -26.47 20.76
CA ASP B 343 8.71 -25.24 21.38
C ASP B 343 7.45 -24.73 20.68
N VAL B 344 7.43 -24.81 19.35
CA VAL B 344 6.33 -24.29 18.56
C VAL B 344 5.13 -25.24 18.59
N PHE B 345 5.39 -26.54 18.46
CA PHE B 345 4.30 -27.51 18.27
C PHE B 345 3.91 -28.35 19.48
N GLY B 346 4.74 -28.36 20.52
CA GLY B 346 4.40 -29.09 21.74
C GLY B 346 4.06 -30.55 21.44
N ASN B 347 2.91 -31.02 21.94
CA ASN B 347 2.50 -32.42 21.76
C ASN B 347 2.23 -32.84 20.32
N GLU B 348 2.03 -31.87 19.44
CA GLU B 348 1.80 -32.15 18.04
C GLU B 348 3.11 -32.48 17.30
N THR B 349 4.25 -32.30 17.97
CA THR B 349 5.55 -32.40 17.30
C THR B 349 5.76 -33.74 16.59
N ASP B 350 5.52 -34.86 17.27
CA ASP B 350 5.76 -36.17 16.66
C ASP B 350 4.96 -36.38 15.38
N SER B 351 3.70 -35.96 15.36
CA SER B 351 2.87 -36.10 14.17
C SER B 351 3.35 -35.19 13.04
N ILE B 352 3.75 -33.96 13.38
CA ILE B 352 4.34 -33.01 12.41
C ILE B 352 5.60 -33.62 11.78
N VAL B 353 6.47 -34.17 12.62
CA VAL B 353 7.70 -34.80 12.18
C VAL B 353 7.43 -36.00 11.28
N ALA B 354 6.48 -36.86 11.67
CA ALA B 354 6.13 -38.03 10.86
C ALA B 354 5.61 -37.62 9.49
N SER B 355 4.78 -36.58 9.45
CA SER B 355 4.26 -36.07 8.18
CA SER B 355 4.26 -36.06 8.20
C SER B 355 5.39 -35.55 7.30
N LEU B 356 6.25 -34.72 7.87
CA LEU B 356 7.41 -34.19 7.13
C LEU B 356 8.29 -35.32 6.61
N ARG B 357 8.61 -36.29 7.48
CA ARG B 357 9.45 -37.41 7.08
C ARG B 357 8.89 -38.13 5.86
N SER B 358 7.56 -38.31 5.85
CA SER B 358 6.87 -39.02 4.77
C SER B 358 6.85 -38.25 3.44
N GLN B 359 7.18 -36.96 3.50
CA GLN B 359 7.08 -36.07 2.35
C GLN B 359 8.42 -35.76 1.67
N LEU B 360 9.54 -36.08 2.33
CA LEU B 360 10.85 -35.65 1.82
C LEU B 360 11.15 -36.13 0.41
N SER B 361 10.85 -37.39 0.10
CA SER B 361 11.15 -37.95 -1.21
C SER B 361 10.33 -37.25 -2.30
N ASP B 362 9.06 -36.95 -2.00
CA ASP B 362 8.20 -36.22 -2.92
C ASP B 362 8.63 -34.76 -3.08
N TYR B 363 9.10 -34.13 -2.01
CA TYR B 363 9.67 -32.79 -2.13
C TYR B 363 10.86 -32.86 -3.10
N ALA B 364 11.75 -33.84 -2.91
CA ALA B 364 12.90 -33.97 -3.78
C ALA B 364 12.49 -34.14 -5.25
N ALA B 365 11.50 -35.02 -5.50
CA ALA B 365 11.05 -35.25 -6.86
C ALA B 365 10.50 -34.00 -7.50
N ALA B 366 9.76 -33.20 -6.74
CA ALA B 366 9.25 -31.92 -7.23
C ALA B 366 10.40 -30.96 -7.54
N THR B 367 11.41 -30.92 -6.67
CA THR B 367 12.53 -30.02 -6.89
C THR B 367 13.35 -30.42 -8.11
N VAL B 368 13.48 -31.73 -8.36
CA VAL B 368 14.14 -32.18 -9.58
C VAL B 368 13.57 -31.45 -10.80
N LYS B 369 12.24 -31.36 -10.85
CA LYS B 369 11.56 -30.73 -11.99
C LYS B 369 11.81 -29.23 -12.07
N VAL B 370 12.05 -28.58 -10.94
CA VAL B 370 12.33 -27.15 -10.93
C VAL B 370 13.53 -26.78 -11.83
N SER B 371 14.58 -27.60 -11.85
CA SER B 371 15.73 -27.35 -12.75
C SER B 371 15.66 -28.16 -14.04
N ASN B 372 14.52 -28.80 -14.26
CA ASN B 372 14.34 -29.73 -15.38
C ASN B 372 15.39 -30.85 -15.40
N GLY B 373 15.72 -31.33 -14.21
CA GLY B 373 16.53 -32.53 -14.05
C GLY B 373 18.02 -32.31 -13.83
N HIS B 374 18.43 -31.08 -13.57
CA HIS B 374 19.85 -30.78 -13.30
C HIS B 374 20.28 -30.95 -11.84
N MET B 375 19.32 -31.28 -11.00
CA MET B 375 19.60 -31.88 -9.70
C MET B 375 18.95 -33.24 -9.74
N LYS B 376 19.63 -34.23 -9.16
CA LYS B 376 19.12 -35.59 -9.19
C LYS B 376 18.29 -35.90 -7.95
N GLN B 377 17.36 -36.83 -8.12
CA GLN B 377 16.52 -37.31 -7.04
C GLN B 377 17.35 -37.69 -5.82
N GLU B 378 18.36 -38.52 -6.03
CA GLU B 378 19.18 -39.02 -4.94
C GLU B 378 19.84 -37.88 -4.20
N ASP B 379 20.34 -36.92 -4.95
CA ASP B 379 21.08 -35.81 -4.38
C ASP B 379 20.17 -34.93 -3.52
N LEU B 380 18.99 -34.60 -4.03
CA LEU B 380 18.05 -33.80 -3.28
C LEU B 380 17.50 -34.52 -2.06
N GLU B 381 17.29 -35.84 -2.16
CA GLU B 381 16.88 -36.60 -0.99
C GLU B 381 17.91 -36.47 0.13
N ARG B 382 19.18 -36.54 -0.23
CA ARG B 382 20.24 -36.42 0.78
C ARG B 382 20.36 -35.01 1.36
N LEU B 383 20.24 -34.00 0.52
CA LEU B 383 20.25 -32.62 0.99
C LEU B 383 19.08 -32.36 1.93
N TYR B 384 17.89 -32.84 1.55
CA TYR B 384 16.73 -32.62 2.37
C TYR B 384 16.77 -33.41 3.67
N GLN B 385 17.42 -34.57 3.65
CA GLN B 385 17.64 -35.33 4.87
C GLN B 385 18.54 -34.59 5.86
N LEU B 386 19.57 -33.91 5.36
CA LEU B 386 20.43 -33.10 6.23
C LEU B 386 19.61 -32.04 6.93
N GLN B 387 18.76 -31.36 6.18
CA GLN B 387 17.93 -30.30 6.75
C GLN B 387 16.91 -30.86 7.73
N PHE B 388 16.28 -31.97 7.36
CA PHE B 388 15.34 -32.67 8.26
C PHE B 388 16.01 -33.03 9.58
N ASP B 389 17.21 -33.59 9.53
CA ASP B 389 17.90 -33.97 10.75
C ASP B 389 18.25 -32.78 11.63
N LEU B 390 18.59 -31.64 11.02
CA LEU B 390 18.83 -30.43 11.81
C LEU B 390 17.58 -30.04 12.59
N ILE B 391 16.45 -30.05 11.91
CA ILE B 391 15.18 -29.67 12.52
C ILE B 391 14.76 -30.66 13.63
N VAL B 392 14.89 -31.95 13.33
CA VAL B 392 14.24 -33.00 14.12
C VAL B 392 15.18 -33.61 15.17
N LYS B 393 16.43 -33.84 14.80
CA LYS B 393 17.39 -34.48 15.70
C LYS B 393 18.18 -33.44 16.49
N ASP B 394 18.75 -32.45 15.81
CA ASP B 394 19.52 -31.42 16.47
C ASP B 394 18.66 -30.33 17.11
N LYS B 395 17.38 -30.29 16.74
CA LYS B 395 16.43 -29.32 17.29
C LYS B 395 16.91 -27.87 17.09
N VAL B 396 17.43 -27.57 15.91
CA VAL B 396 17.78 -26.18 15.61
C VAL B 396 16.50 -25.34 15.58
N PRO B 397 16.62 -24.03 15.83
CA PRO B 397 15.40 -23.22 15.75
C PRO B 397 14.74 -23.32 14.38
N ILE B 398 13.41 -23.36 14.40
CA ILE B 398 12.64 -23.40 13.16
C ILE B 398 11.99 -22.06 12.81
N ALA B 399 12.11 -21.08 13.70
CA ALA B 399 11.52 -19.77 13.50
C ALA B 399 12.40 -18.70 14.07
N GLU B 400 12.32 -17.51 13.47
CA GLU B 400 12.70 -16.29 14.16
C GLU B 400 11.44 -15.50 14.44
N ILE B 401 11.30 -15.06 15.69
CA ILE B 401 10.16 -14.24 16.10
C ILE B 401 10.69 -12.96 16.72
N LEU B 402 10.48 -11.83 16.04
CA LEU B 402 10.80 -10.51 16.57
C LEU B 402 9.57 -9.88 17.17
N PHE B 403 9.76 -9.19 18.29
CA PHE B 403 8.74 -8.28 18.82
C PHE B 403 9.31 -6.87 18.93
N HIS B 404 8.53 -5.89 18.45
CA HIS B 404 8.91 -4.48 18.43
C HIS B 404 7.83 -3.65 19.09
N PRO B 405 8.19 -2.74 20.02
CA PRO B 405 7.22 -1.71 20.40
C PRO B 405 6.92 -0.83 19.18
N GLY B 406 5.65 -0.51 18.96
CA GLY B 406 5.28 0.32 17.82
C GLY B 406 5.02 1.77 18.19
N GLY B 407 5.30 2.11 19.45
CA GLY B 407 4.94 3.42 19.98
C GLY B 407 3.51 3.40 20.49
N GLY B 408 3.26 4.17 21.54
CA GLY B 408 1.95 4.18 22.18
C GLY B 408 1.57 2.79 22.64
N ASN B 409 0.34 2.39 22.34
CA ASN B 409 -0.14 1.07 22.74
C ASN B 409 0.13 -0.06 21.73
N ALA B 410 0.92 0.23 20.70
CA ALA B 410 1.15 -0.73 19.61
C ALA B 410 2.31 -1.69 19.88
N VAL B 411 2.09 -2.96 19.56
CA VAL B 411 3.16 -3.95 19.50
C VAL B 411 3.04 -4.71 18.19
N SER B 412 4.18 -4.90 17.53
CA SER B 412 4.17 -5.75 16.35
CA SER B 412 4.29 -5.68 16.28
C SER B 412 5.14 -6.92 16.50
N SER B 413 4.83 -7.97 15.78
CA SER B 413 5.71 -9.12 15.67
C SER B 413 5.97 -9.37 14.19
N GLU B 414 7.23 -9.65 13.86
CA GLU B 414 7.61 -10.06 12.51
C GLU B 414 8.27 -11.42 12.68
N PHE B 415 7.91 -12.37 11.83
CA PHE B 415 8.33 -13.74 12.05
C PHE B 415 8.45 -14.50 10.75
N TRP B 416 9.28 -15.54 10.77
CA TRP B 416 9.47 -16.37 9.60
C TRP B 416 9.96 -17.75 9.97
N GLY B 417 9.48 -18.75 9.25
CA GLY B 417 10.08 -20.07 9.26
C GLY B 417 11.50 -19.97 8.71
N LEU B 418 12.43 -20.58 9.43
CA LEU B 418 13.84 -20.48 9.06
C LEU B 418 14.28 -21.43 7.98
N LEU B 419 13.68 -22.63 7.95
CA LEU B 419 14.14 -23.71 7.10
C LEU B 419 13.01 -24.31 6.24
N PRO B 420 12.40 -23.50 5.37
CA PRO B 420 11.49 -24.06 4.38
C PRO B 420 12.28 -24.96 3.42
N PHE B 421 11.60 -25.88 2.77
CA PHE B 421 12.24 -26.77 1.81
C PHE B 421 12.17 -26.29 0.37
N ALA B 422 11.30 -25.33 0.06
CA ALA B 422 11.16 -24.89 -1.33
C ALA B 422 12.47 -24.39 -1.92
N ARG B 423 12.77 -24.85 -3.13
CA ARG B 423 13.87 -24.30 -3.92
C ARG B 423 13.35 -23.78 -5.25
N GLY B 424 13.94 -22.68 -5.69
CA GLY B 424 13.58 -22.08 -6.96
C GLY B 424 14.83 -21.82 -7.76
N ASN B 425 14.78 -20.80 -8.61
CA ASN B 425 15.91 -20.46 -9.43
C ASN B 425 15.86 -19.03 -9.92
N ILE B 426 16.98 -18.59 -10.46
CA ILE B 426 17.09 -17.30 -11.10
C ILE B 426 17.89 -17.50 -12.37
N HIS B 427 17.42 -16.91 -13.47
CA HIS B 427 18.12 -17.01 -14.75
C HIS B 427 17.99 -15.74 -15.56
N ILE B 428 18.98 -15.48 -16.39
CA ILE B 428 18.88 -14.39 -17.37
C ILE B 428 17.62 -14.54 -18.22
N SER B 429 17.03 -13.41 -18.58
CA SER B 429 15.90 -13.42 -19.52
C SER B 429 16.31 -13.08 -20.94
N SER B 430 17.57 -12.70 -21.11
CA SER B 430 18.09 -12.18 -22.38
CA SER B 430 18.12 -12.40 -22.44
C SER B 430 19.61 -12.15 -22.29
N ASN B 431 20.28 -11.97 -23.43
CA ASN B 431 21.69 -11.61 -23.43
C ASN B 431 21.95 -10.13 -23.13
N ASP B 432 20.89 -9.33 -23.01
CA ASP B 432 21.03 -7.91 -22.68
C ASP B 432 21.31 -7.77 -21.19
N PRO B 433 22.47 -7.22 -20.81
CA PRO B 433 22.81 -7.15 -19.38
C PRO B 433 21.88 -6.28 -18.54
N THR B 434 21.04 -5.45 -19.18
CA THR B 434 20.08 -4.63 -18.43
C THR B 434 18.72 -5.31 -18.26
N ALA B 435 18.50 -6.45 -18.90
CA ALA B 435 17.19 -7.10 -18.85
C ALA B 435 16.92 -7.68 -17.47
N PRO B 436 15.72 -7.44 -16.92
CA PRO B 436 15.40 -8.05 -15.61
C PRO B 436 15.43 -9.57 -15.70
N ALA B 437 15.99 -10.20 -14.68
CA ALA B 437 16.06 -11.66 -14.63
C ALA B 437 14.70 -12.28 -14.38
N ALA B 438 14.59 -13.56 -14.67
CA ALA B 438 13.46 -14.36 -14.21
C ALA B 438 13.82 -14.93 -12.85
N ILE B 439 13.19 -14.43 -11.81
CA ILE B 439 13.50 -14.83 -10.44
C ILE B 439 12.31 -15.54 -9.83
N ASN B 440 12.51 -16.79 -9.42
CA ASN B 440 11.42 -17.59 -8.90
C ASN B 440 11.82 -18.33 -7.63
N PRO B 441 11.55 -17.74 -6.44
CA PRO B 441 11.93 -18.44 -5.21
C PRO B 441 11.03 -19.62 -4.85
N ASN B 442 9.87 -19.74 -5.49
CA ASN B 442 8.90 -20.80 -5.19
C ASN B 442 8.40 -20.78 -3.74
N TYR B 443 8.11 -19.59 -3.23
CA TYR B 443 7.55 -19.48 -1.89
C TYR B 443 6.30 -20.35 -1.73
N PHE B 444 6.22 -21.01 -0.57
CA PHE B 444 5.07 -21.86 -0.21
C PHE B 444 4.96 -23.13 -1.05
N MET B 445 6.00 -23.51 -1.78
CA MET B 445 5.87 -24.68 -2.64
C MET B 445 5.51 -25.95 -1.88
N PHE B 446 6.07 -26.14 -0.70
CA PHE B 446 5.90 -27.40 0.04
C PHE B 446 5.05 -27.25 1.29
N GLU B 447 4.36 -28.33 1.66
CA GLU B 447 3.45 -28.30 2.80
C GLU B 447 4.13 -27.81 4.07
N TRP B 448 5.32 -28.32 4.38
CA TRP B 448 6.02 -27.92 5.60
C TRP B 448 6.18 -26.42 5.67
N ASP B 449 6.48 -25.80 4.53
CA ASP B 449 6.84 -24.39 4.51
C ASP B 449 5.70 -23.54 5.05
N GLY B 450 4.50 -23.85 4.59
CA GLY B 450 3.30 -23.14 5.07
C GLY B 450 2.80 -23.60 6.42
N LYS B 451 2.86 -24.91 6.68
CA LYS B 451 2.41 -25.50 7.94
CA LYS B 451 2.38 -25.44 7.94
C LYS B 451 3.23 -24.98 9.13
N SER B 452 4.55 -24.92 8.93
CA SER B 452 5.42 -24.37 9.96
C SER B 452 5.13 -22.89 10.17
N GLN B 453 4.97 -22.12 9.09
CA GLN B 453 4.63 -20.71 9.22
C GLN B 453 3.32 -20.54 10.02
N ALA B 454 2.32 -21.36 9.70
CA ALA B 454 1.06 -21.33 10.43
C ALA B 454 1.23 -21.68 11.90
N GLY B 455 2.06 -22.69 12.19
CA GLY B 455 2.35 -23.05 13.56
C GLY B 455 3.00 -21.92 14.32
N ILE B 456 3.91 -21.21 13.66
CA ILE B 456 4.58 -20.06 14.28
C ILE B 456 3.57 -18.93 14.57
N ALA B 457 2.71 -18.64 13.60
CA ALA B 457 1.69 -17.62 13.77
C ALA B 457 0.75 -17.96 14.94
N LYS B 458 0.33 -19.22 15.00
CA LYS B 458 -0.52 -19.68 16.09
C LYS B 458 0.17 -19.54 17.44
N TYR B 459 1.46 -19.87 17.47
CA TYR B 459 2.27 -19.73 18.67
C TYR B 459 2.33 -18.28 19.15
N ILE B 460 2.49 -17.34 18.21
CA ILE B 460 2.50 -15.93 18.53
C ILE B 460 1.16 -15.45 19.06
N ARG B 461 0.09 -15.90 18.42
CA ARG B 461 -1.26 -15.62 18.93
C ARG B 461 -1.39 -16.09 20.38
N LYS B 462 -0.93 -17.31 20.66
CA LYS B 462 -0.96 -17.85 22.01
C LYS B 462 -0.15 -16.99 22.99
N ILE B 463 1.07 -16.64 22.60
CA ILE B 463 1.92 -15.78 23.45
C ILE B 463 1.21 -14.48 23.81
N LEU B 464 0.59 -13.83 22.82
CA LEU B 464 -0.11 -12.57 23.05
C LEU B 464 -1.27 -12.71 24.04
N ARG B 465 -1.83 -13.91 24.15
CA ARG B 465 -2.97 -14.18 25.03
C ARG B 465 -2.56 -14.83 26.34
N SER B 466 -1.26 -15.00 26.55
CA SER B 466 -0.74 -15.74 27.70
C SER B 466 -0.20 -14.83 28.79
N ALA B 467 -0.19 -15.33 30.02
CA ALA B 467 0.28 -14.55 31.18
C ALA B 467 1.81 -14.55 31.27
N PRO B 468 2.41 -13.41 31.69
CA PRO B 468 1.76 -12.15 32.08
C PRO B 468 1.51 -11.14 30.96
N LEU B 469 1.93 -11.45 29.73
CA LEU B 469 1.76 -10.52 28.61
C LEU B 469 0.30 -10.08 28.42
N ASN B 470 -0.64 -11.00 28.66
CA ASN B 470 -2.06 -10.69 28.49
C ASN B 470 -2.60 -9.62 29.44
N LYS B 471 -1.83 -9.30 30.48
CA LYS B 471 -2.16 -8.17 31.36
C LYS B 471 -1.92 -6.83 30.66
N LEU B 472 -1.06 -6.86 29.64
CA LEU B 472 -0.71 -5.65 28.88
C LEU B 472 -1.44 -5.53 27.56
N ILE B 473 -1.77 -6.68 26.95
CA ILE B 473 -2.32 -6.72 25.61
C ILE B 473 -3.83 -6.90 25.67
N ALA B 474 -4.56 -5.89 25.18
CA ALA B 474 -6.02 -5.88 25.17
C ALA B 474 -6.59 -6.80 24.09
N LYS B 475 -5.98 -6.77 22.91
CA LYS B 475 -6.45 -7.57 21.78
C LYS B 475 -5.40 -7.73 20.70
N GLU B 476 -5.54 -8.79 19.93
CA GLU B 476 -4.79 -8.98 18.72
C GLU B 476 -5.46 -8.18 17.61
N THR B 477 -4.67 -7.40 16.87
CA THR B 477 -5.19 -6.55 15.82
C THR B 477 -4.86 -7.06 14.41
N LYS B 478 -3.85 -7.93 14.32
CA LYS B 478 -3.43 -8.48 13.04
C LYS B 478 -2.96 -9.92 13.25
N PRO B 479 -3.64 -10.90 12.62
CA PRO B 479 -4.85 -10.77 11.78
C PRO B 479 -6.09 -10.34 12.56
N GLY B 480 -6.11 -10.59 13.87
CA GLY B 480 -7.31 -10.40 14.67
C GLY B 480 -8.29 -11.55 14.55
N LEU B 481 -9.18 -11.65 15.53
CA LEU B 481 -10.09 -12.78 15.63
C LEU B 481 -11.24 -12.76 14.61
N SER B 482 -11.55 -11.60 14.05
CA SER B 482 -12.57 -11.50 13.01
CA SER B 482 -12.57 -11.50 13.01
C SER B 482 -12.07 -12.16 11.72
N GLU B 483 -10.85 -11.79 11.32
CA GLU B 483 -10.23 -12.35 10.12
C GLU B 483 -9.91 -13.83 10.29
N ILE B 484 -9.30 -14.17 11.42
CA ILE B 484 -8.92 -15.56 11.71
CA ILE B 484 -8.91 -15.55 11.71
C ILE B 484 -9.44 -15.95 13.10
N PRO B 485 -10.58 -16.66 13.13
CA PRO B 485 -11.15 -17.02 14.44
C PRO B 485 -10.24 -17.92 15.28
N ALA B 486 -10.52 -17.97 16.58
CA ALA B 486 -9.74 -18.76 17.52
C ALA B 486 -9.61 -20.22 17.09
N THR B 487 -10.68 -20.77 16.52
CA THR B 487 -10.68 -22.19 16.14
C THR B 487 -10.40 -22.44 14.66
N ALA B 488 -9.84 -21.44 13.96
CA ALA B 488 -9.51 -21.58 12.54
C ALA B 488 -8.57 -22.75 12.29
N ALA B 489 -8.85 -23.46 11.21
CA ALA B 489 -8.01 -24.56 10.76
C ALA B 489 -6.66 -24.02 10.28
N ASP B 490 -5.63 -24.86 10.32
CA ASP B 490 -4.31 -24.49 9.81
C ASP B 490 -4.38 -23.89 8.41
N GLU B 491 -5.24 -24.45 7.57
CA GLU B 491 -5.35 -24.03 6.19
C GLU B 491 -5.90 -22.60 6.04
N LYS B 492 -6.74 -22.17 6.98
CA LYS B 492 -7.20 -20.78 7.03
C LYS B 492 -6.05 -19.83 7.35
N TRP B 493 -5.22 -20.21 8.32
CA TRP B 493 -3.98 -19.48 8.60
C TRP B 493 -3.10 -19.41 7.36
N VAL B 494 -2.91 -20.54 6.69
CA VAL B 494 -2.03 -20.55 5.51
C VAL B 494 -2.54 -19.61 4.42
N GLU B 495 -3.85 -19.59 4.20
CA GLU B 495 -4.44 -18.65 3.24
C GLU B 495 -4.13 -17.19 3.58
N TRP B 496 -4.30 -16.82 4.84
CA TRP B 496 -4.01 -15.46 5.28
C TRP B 496 -2.51 -15.14 5.16
N LEU B 497 -1.67 -16.09 5.54
CA LEU B 497 -0.23 -15.87 5.44
C LEU B 497 0.19 -15.66 4.00
N LYS B 498 -0.36 -16.47 3.10
CA LYS B 498 -0.10 -16.33 1.67
C LYS B 498 -0.53 -14.98 1.12
N ALA B 499 -1.63 -14.43 1.66
CA ALA B 499 -2.18 -13.18 1.16
C ALA B 499 -1.40 -11.96 1.64
N ASN B 500 -0.53 -12.15 2.63
CA ASN B 500 0.09 -11.04 3.34
C ASN B 500 1.60 -11.14 3.54
N TYR B 501 2.25 -12.17 3.00
CA TYR B 501 3.68 -12.36 3.24
C TYR B 501 4.56 -11.40 2.44
N ARG B 502 5.80 -11.32 2.89
CA ARG B 502 6.90 -10.59 2.24
CA ARG B 502 6.82 -10.72 2.03
C ARG B 502 8.04 -11.60 2.04
N SER B 503 8.87 -11.41 1.02
CA SER B 503 10.16 -12.06 1.03
C SER B 503 10.91 -11.61 2.28
N ASN B 504 11.63 -12.52 2.91
CA ASN B 504 12.52 -12.16 4.00
C ASN B 504 13.85 -11.61 3.49
N PHE B 505 14.06 -11.60 2.17
CA PHE B 505 15.28 -11.04 1.58
C PHE B 505 16.52 -11.75 2.11
N HIS B 506 16.44 -13.07 2.23
CA HIS B 506 17.61 -13.88 2.57
C HIS B 506 17.92 -14.93 1.49
N PRO B 507 17.93 -14.54 0.20
CA PRO B 507 18.20 -15.58 -0.79
C PRO B 507 19.64 -16.10 -0.72
N VAL B 508 19.78 -17.42 -0.83
CA VAL B 508 21.07 -18.08 -0.87
C VAL B 508 21.04 -19.16 -1.95
N GLY B 509 22.22 -19.68 -2.30
CA GLY B 509 22.31 -20.98 -2.95
C GLY B 509 22.45 -20.98 -4.46
N THR B 510 22.41 -19.81 -5.09
CA THR B 510 22.41 -19.66 -6.54
C THR B 510 23.77 -19.89 -7.20
N ALA B 511 24.83 -19.98 -6.39
CA ALA B 511 26.15 -20.48 -6.84
C ALA B 511 26.69 -21.34 -5.69
N ALA B 512 25.92 -22.37 -5.36
CA ALA B 512 26.11 -23.06 -4.09
C ALA B 512 27.46 -23.74 -3.95
N MET B 513 28.05 -23.60 -2.78
CA MET B 513 29.24 -24.34 -2.42
C MET B 513 28.88 -25.78 -2.05
N MET B 514 29.12 -26.69 -2.98
CA MET B 514 28.95 -28.14 -2.79
C MET B 514 29.86 -28.83 -3.78
N PRO B 515 30.23 -30.09 -3.52
CA PRO B 515 30.95 -30.83 -4.55
C PRO B 515 30.24 -30.74 -5.90
N ARG B 516 31.00 -30.63 -6.98
CA ARG B 516 30.40 -30.56 -8.30
C ARG B 516 29.49 -31.76 -8.55
N SER B 517 29.86 -32.92 -8.03
CA SER B 517 29.11 -34.15 -8.26
C SER B 517 27.73 -34.20 -7.61
N ILE B 518 27.42 -33.28 -6.70
CA ILE B 518 26.08 -33.19 -6.10
C ILE B 518 25.36 -31.92 -6.61
N GLY B 519 25.95 -31.23 -7.58
CA GLY B 519 25.31 -30.07 -8.19
C GLY B 519 25.89 -28.73 -7.75
N GLY B 520 27.02 -28.73 -7.05
CA GLY B 520 27.64 -27.47 -6.65
C GLY B 520 28.13 -26.62 -7.80
N VAL B 521 28.26 -25.32 -7.53
CA VAL B 521 28.79 -24.36 -8.49
C VAL B 521 30.20 -23.91 -8.10
N VAL B 522 30.48 -23.85 -6.80
CA VAL B 522 31.82 -23.49 -6.32
C VAL B 522 32.38 -24.55 -5.41
N ASP B 523 33.71 -24.65 -5.41
CA ASP B 523 34.41 -25.55 -4.54
C ASP B 523 34.57 -24.95 -3.13
N ASN B 524 35.26 -25.67 -2.27
CA ASN B 524 35.41 -25.27 -0.86
C ASN B 524 36.33 -24.06 -0.68
N ARG B 525 36.96 -23.63 -1.76
CA ARG B 525 37.76 -22.39 -1.77
C ARG B 525 37.01 -21.28 -2.52
N LEU B 526 35.72 -21.55 -2.81
CA LEU B 526 34.78 -20.64 -3.50
CA LEU B 526 34.81 -20.60 -3.47
C LEU B 526 35.13 -20.38 -4.96
N ARG B 527 35.97 -21.25 -5.53
CA ARG B 527 36.28 -21.19 -6.94
C ARG B 527 35.17 -21.83 -7.78
N VAL B 528 34.76 -21.14 -8.84
CA VAL B 528 33.75 -21.65 -9.76
C VAL B 528 34.30 -22.84 -10.52
N TYR B 529 33.56 -23.95 -10.50
CA TYR B 529 34.00 -25.15 -11.21
C TYR B 529 34.23 -24.84 -12.68
N GLY B 530 35.27 -25.46 -13.23
CA GLY B 530 35.64 -25.29 -14.63
C GLY B 530 36.50 -24.08 -14.92
N THR B 531 36.76 -23.28 -13.89
CA THR B 531 37.62 -22.10 -14.02
C THR B 531 38.84 -22.26 -13.13
N SER B 532 39.90 -21.53 -13.46
CA SER B 532 41.09 -21.52 -12.62
C SER B 532 41.03 -20.44 -11.55
N ASN B 533 40.36 -19.32 -11.83
CA ASN B 533 40.63 -18.08 -11.14
C ASN B 533 39.42 -17.17 -11.00
N VAL B 534 38.22 -17.77 -10.99
CA VAL B 534 37.00 -17.05 -10.70
C VAL B 534 36.44 -17.59 -9.40
N ARG B 535 36.08 -16.68 -8.49
CA ARG B 535 35.42 -17.08 -7.26
C ARG B 535 34.11 -16.32 -7.14
N VAL B 536 33.17 -16.89 -6.38
CA VAL B 536 31.99 -16.17 -5.96
C VAL B 536 32.08 -16.07 -4.44
N VAL B 537 31.96 -14.85 -3.92
CA VAL B 537 32.00 -14.64 -2.47
C VAL B 537 30.87 -13.71 -2.09
N ASP B 538 29.74 -14.30 -1.74
CA ASP B 538 28.53 -13.59 -1.31
C ASP B 538 27.50 -14.65 -0.95
N ALA B 539 26.27 -14.24 -0.70
CA ALA B 539 25.22 -15.18 -0.27
C ALA B 539 24.92 -16.30 -1.27
N SER B 540 25.31 -16.12 -2.53
CA SER B 540 25.09 -17.15 -3.53
C SER B 540 25.68 -18.49 -3.13
N VAL B 541 26.77 -18.48 -2.36
CA VAL B 541 27.51 -19.70 -2.12
C VAL B 541 26.98 -20.51 -0.96
N LEU B 542 26.16 -19.92 -0.10
CA LEU B 542 25.66 -20.70 1.03
C LEU B 542 24.80 -21.86 0.50
N PRO B 543 25.14 -23.11 0.84
CA PRO B 543 24.40 -24.24 0.26
C PRO B 543 23.02 -24.48 0.87
N PHE B 544 22.83 -23.98 2.08
CA PHE B 544 21.56 -24.06 2.79
C PHE B 544 21.34 -22.71 3.45
N GLN B 545 20.11 -22.45 3.83
CA GLN B 545 19.77 -21.32 4.66
C GLN B 545 20.41 -21.45 6.05
N VAL B 546 20.59 -20.33 6.74
CA VAL B 546 21.03 -20.38 8.13
C VAL B 546 19.91 -19.86 9.03
N CYS B 547 20.06 -20.07 10.33
CA CYS B 547 19.00 -19.68 11.27
C CYS B 547 18.96 -18.17 11.55
N GLY B 548 20.11 -17.48 11.48
CA GLY B 548 20.17 -16.08 11.85
C GLY B 548 20.16 -15.15 10.67
N HIS B 549 20.43 -13.88 10.98
CA HIS B 549 20.46 -12.80 9.99
C HIS B 549 21.75 -12.89 9.17
N LEU B 550 21.68 -12.72 7.86
CA LEU B 550 22.81 -13.11 7.02
C LEU B 550 24.14 -12.38 7.17
N VAL B 551 24.15 -11.09 7.48
CA VAL B 551 25.44 -10.39 7.34
C VAL B 551 26.54 -10.98 8.22
N SER B 552 26.22 -11.38 9.45
CA SER B 552 27.28 -11.89 10.33
C SER B 552 28.02 -13.02 9.64
N THR B 553 27.28 -13.94 9.06
CA THR B 553 27.83 -15.11 8.41
C THR B 553 28.52 -14.76 7.09
N LEU B 554 27.93 -13.85 6.32
CA LEU B 554 28.59 -13.40 5.09
C LEU B 554 29.93 -12.73 5.37
N TYR B 555 29.98 -11.87 6.39
CA TYR B 555 31.26 -11.29 6.77
C TYR B 555 32.29 -12.37 7.12
N ALA B 556 31.87 -13.36 7.93
CA ALA B 556 32.76 -14.43 8.32
C ALA B 556 33.23 -15.26 7.15
N VAL B 557 32.30 -15.61 6.25
CA VAL B 557 32.64 -16.38 5.07
C VAL B 557 33.65 -15.61 4.19
N ALA B 558 33.40 -14.31 4.02
CA ALA B 558 34.28 -13.49 3.18
C ALA B 558 35.66 -13.33 3.84
N GLU B 559 35.68 -13.23 5.17
CA GLU B 559 36.95 -13.17 5.90
C GLU B 559 37.76 -14.46 5.65
N ARG B 560 37.10 -15.60 5.73
CA ARG B 560 37.80 -16.87 5.56
C ARG B 560 38.22 -17.02 4.11
N ALA B 561 37.32 -16.67 3.18
CA ALA B 561 37.64 -16.73 1.76
C ALA B 561 38.88 -15.90 1.43
N SER B 562 38.98 -14.73 2.05
CA SER B 562 40.14 -13.87 1.83
C SER B 562 41.45 -14.57 2.18
N ASP B 563 41.48 -15.29 3.29
CA ASP B 563 42.67 -16.07 3.65
C ASP B 563 42.93 -17.19 2.65
N LEU B 564 41.89 -17.83 2.13
CA LEU B 564 42.06 -18.89 1.14
C LEU B 564 42.63 -18.35 -0.17
N ILE B 565 42.18 -17.16 -0.57
CA ILE B 565 42.68 -16.50 -1.77
C ILE B 565 44.15 -16.15 -1.59
N LYS B 566 44.51 -15.59 -0.44
CA LYS B 566 45.90 -15.23 -0.16
C LYS B 566 46.79 -16.48 -0.16
N GLU B 567 46.30 -17.59 0.40
CA GLU B 567 47.07 -18.83 0.41
C GLU B 567 47.34 -19.32 -1.00
N ASP B 568 46.33 -19.23 -1.86
CA ASP B 568 46.45 -19.69 -3.24
C ASP B 568 47.41 -18.85 -4.07
N ALA B 569 47.54 -17.57 -3.71
CA ALA B 569 48.46 -16.66 -4.38
C ALA B 569 49.90 -16.99 -4.01
#